data_1LDK
#
_entry.id   1LDK
#
_cell.length_a   219.378
_cell.length_b   50.529
_cell.length_c   158.610
_cell.angle_alpha   90.00
_cell.angle_beta   90.00
_cell.angle_gamma   90.00
#
_symmetry.space_group_name_H-M   'P 21 21 2'
#
loop_
_entity.id
_entity.type
_entity.pdbx_description
1 polymer 'CULLIN HOMOLOG'
2 polymer 'CULLIN HOMOLOG'
3 polymer 'ring-box protein 1'
4 polymer 'CYCLIN A/CDK2-ASSOCIATED PROTEIN P19'
5 polymer 'SKP2-like protein type gamma'
6 non-polymer 'ZINC ION'
#
loop_
_entity_poly.entity_id
_entity_poly.type
_entity_poly.pdbx_seq_one_letter_code
_entity_poly.pdbx_strand_id
1 'polypeptide(L)'
;IGLDQIWDDLRAGIQQVYTRQSMAKSRYMELYTHVYNYCTSVHQSNQARGAGVPPSKSKKGQTPGGAQFVGLELYKRLKE
FLKNYLTNLLKDGEDLMDESVLKFYTQQWEDYRFSSKVLNGICAYLNRHWVRRECDEGRKGIYEIYSLALVTWRDCLFRP
LNKQVTNAVLKLIEKERNGETINTRLISGVVQSYVELGLNEDDAFAKGPTLTVYKESFESQFLADTERFYTRESTEFLQQ
NPVTEYMKKAEARLLEEQRRVQVYLHESTQDELARKCEQVLIEKHLEIFHTEFQNLLDADKNEDLGRMYNLVSRIQDGLG
ELKKLLETHIHNQGLAAIEKCGEAALNDPKMYVQTVLDVHKKYNALVMSAFNNDAGFVAALDKACGRFINNNAVTK
;
A
2 'polypeptide(L)'
;MAQSSSKSPELLARYCDSLLKKSSKNPEEAELEDTLNQVMVVFKYIEDKDVFQKFYAKMLAKRLVHQNSASDDAEASMIS
KLKQACGFEYTSKLQRMFQDIGVSKDLNEQFKKHLTNSEPLDLDFSIQVLSSGSWPFQQSCTFALPSELERSYQRFTAFY
ASRHSGRKLTWLYQLSKGELVTNCFKNRYTLQASTFQMAILLQYNTEDAYTVQQLTDSTQIKMDILAQVLQILLKSKLLV
LEDENANVDEVELKPDTLIKLYLGYKNKKLRVNINVPMKTEQKQEQETTHKNIEEDRKLLIQAAIVRIMKMRKVLKHQQL
LGEVLTQLSSRFKPRVPVIKKCIDILIEKEYLERVDGEKDTYSYLA
;
B
3 'polypeptide(L)'
;KKRFEVKKWNAVALWAWDIVVDNCAICRNHIMDLCIECQANQASATSEECTVAWGVCNHAFHFHCISRWLKTRQVCPLDN
REWEFQKYGH
;
C
4 'polypeptide(L)'
;PSIKLQSSDGEIFEVDVEIAKQSVTIKTMLEDLGMDPVPLPNVNAAILKKVIQWCTHHKDDPPPPEDDENKEKRTDDIPV
WDQEFLKVDQGTLFELILAANYLDIKGLLDVTCKTVANMIKGKTPEEIRKTFN
;
D
5 'polypeptide(L)' WDSLPDELLLGIFSCLCLPELLKVSGVCKRWYRLASDESLW E
#
# COMPACT_ATOMS: atom_id res chain seq x y z
N ILE A 1 62.24 46.18 18.32
CA ILE A 1 62.49 44.82 18.77
C ILE A 1 63.88 44.36 18.31
N GLY A 2 63.94 43.54 17.26
CA GLY A 2 65.21 43.05 16.75
C GLY A 2 64.45 41.91 16.10
N LEU A 3 64.51 41.84 14.77
CA LEU A 3 64.04 40.72 13.99
C LEU A 3 65.25 39.95 13.48
N ASP A 4 66.28 40.69 13.12
CA ASP A 4 67.52 40.07 12.65
C ASP A 4 68.08 39.28 13.83
N GLN A 5 67.41 39.39 14.93
CA GLN A 5 67.73 38.67 16.14
C GLN A 5 66.42 38.01 16.63
N ILE A 6 65.30 38.40 16.07
CA ILE A 6 64.01 37.92 16.49
C ILE A 6 63.35 36.93 15.53
N TRP A 7 63.22 37.31 14.26
CA TRP A 7 62.61 36.41 13.27
C TRP A 7 63.32 35.06 13.19
N ASP A 8 64.60 35.07 12.82
CA ASP A 8 65.36 33.83 12.73
C ASP A 8 65.07 32.96 13.94
N ASP A 9 65.10 33.57 15.13
CA ASP A 9 64.82 32.83 16.36
C ASP A 9 63.50 32.05 16.20
N LEU A 10 62.57 32.65 15.46
CA LEU A 10 61.25 32.08 15.22
C LEU A 10 61.18 31.21 13.94
N ARG A 11 61.99 31.55 12.93
CA ARG A 11 62.00 30.78 11.68
C ARG A 11 62.42 29.39 12.08
N ALA A 12 63.40 29.34 12.98
CA ALA A 12 63.92 28.09 13.50
C ALA A 12 62.83 27.27 14.18
N GLY A 13 62.03 27.95 15.02
CA GLY A 13 60.95 27.27 15.73
C GLY A 13 59.84 26.84 14.78
N ILE A 14 59.60 27.66 13.76
CA ILE A 14 58.56 27.35 12.77
C ILE A 14 59.06 26.16 11.96
N GLN A 15 60.38 26.03 11.89
CA GLN A 15 61.06 24.96 11.18
C GLN A 15 60.96 23.75 12.09
N GLN A 16 61.60 23.87 13.25
CA GLN A 16 61.60 22.83 14.27
C GLN A 16 60.22 22.23 14.37
N VAL A 17 59.23 23.06 14.71
CA VAL A 17 57.81 22.63 14.67
C VAL A 17 57.26 21.92 13.42
N TYR A 18 57.91 22.10 12.27
CA TYR A 18 57.47 21.47 11.02
C TYR A 18 58.30 20.23 10.71
N THR A 19 58.93 19.81 11.71
CA THR A 19 59.71 18.67 11.91
C THR A 19 59.28 18.60 13.31
N ARG A 20 58.93 17.44 13.80
CA ARG A 20 58.45 17.33 15.15
C ARG A 20 59.52 16.71 16.04
N GLN A 21 60.62 17.43 16.22
CA GLN A 21 61.66 16.95 17.08
C GLN A 21 61.08 16.94 18.48
N SER A 22 59.79 17.19 18.53
CA SER A 22 59.03 17.27 19.76
C SER A 22 59.63 18.33 20.67
N MET A 23 59.20 19.57 20.49
CA MET A 23 59.73 20.66 21.28
C MET A 23 58.99 20.78 22.59
N ALA A 24 59.76 21.07 23.64
CA ALA A 24 59.24 21.24 24.98
C ALA A 24 58.43 22.51 25.07
N LYS A 25 57.36 22.47 25.86
CA LYS A 25 56.49 23.63 26.05
C LYS A 25 57.32 24.86 26.41
N SER A 26 58.59 24.62 26.68
CA SER A 26 59.47 25.73 26.95
C SER A 26 59.56 26.58 25.68
N ARG A 27 59.04 26.05 24.56
CA ARG A 27 59.19 26.73 23.29
C ARG A 27 57.89 27.31 22.73
N TYR A 28 56.83 26.53 22.80
CA TYR A 28 55.53 26.98 22.31
C TYR A 28 55.33 28.44 22.70
N MET A 29 55.29 28.68 24.00
CA MET A 29 55.12 30.03 24.54
C MET A 29 56.22 30.97 24.05
N GLU A 30 57.47 30.54 24.24
CA GLU A 30 58.61 31.33 23.80
C GLU A 30 58.34 31.80 22.38
N LEU A 31 57.95 30.86 21.51
CA LEU A 31 57.63 31.20 20.13
C LEU A 31 56.41 32.12 20.15
N TYR A 32 55.29 31.62 20.68
CA TYR A 32 53.99 32.31 20.57
C TYR A 32 54.37 33.74 20.85
N THR A 33 54.85 33.96 22.06
CA THR A 33 55.29 35.27 22.52
C THR A 33 55.95 36.11 21.40
N HIS A 34 57.08 35.64 20.87
CA HIS A 34 57.76 36.35 19.79
C HIS A 34 56.72 37.05 18.93
N VAL A 35 55.75 36.28 18.47
CA VAL A 35 54.66 36.81 17.64
C VAL A 35 53.99 37.92 18.42
N TYR A 36 53.36 37.52 19.53
CA TYR A 36 52.65 38.42 20.43
C TYR A 36 53.46 39.68 20.64
N ASN A 37 54.74 39.52 20.96
CA ASN A 37 55.55 40.69 21.15
C ASN A 37 55.64 41.49 19.85
N TYR A 38 55.86 40.84 18.72
CA TYR A 38 55.95 41.56 17.45
C TYR A 38 54.71 42.40 17.19
N CYS A 39 53.56 41.73 17.17
CA CYS A 39 52.29 42.37 16.90
C CYS A 39 51.79 43.14 18.12
N THR A 40 52.64 44.01 18.64
CA THR A 40 52.31 44.81 19.81
C THR A 40 53.37 45.88 19.96
N SER A 41 53.14 47.06 19.39
CA SER A 41 54.15 48.10 19.50
C SER A 41 53.66 49.50 19.14
N GLN A 68 47.43 50.19 13.04
CA GLN A 68 47.28 48.95 13.87
C GLN A 68 47.82 47.73 13.13
N PHE A 69 48.69 47.96 12.15
CA PHE A 69 49.25 46.86 11.39
C PHE A 69 49.98 45.84 12.24
N VAL A 70 51.30 45.98 12.32
CA VAL A 70 52.14 45.04 13.06
C VAL A 70 51.54 43.67 12.93
N GLY A 71 51.65 43.12 11.73
CA GLY A 71 51.12 41.81 11.44
C GLY A 71 51.57 41.44 10.05
N LEU A 72 51.39 42.36 9.12
CA LEU A 72 51.77 42.14 7.73
C LEU A 72 53.09 41.37 7.54
N GLU A 73 54.20 42.07 7.69
CA GLU A 73 55.52 41.45 7.50
C GLU A 73 55.54 40.02 8.01
N LEU A 74 55.38 39.85 9.32
CA LEU A 74 55.37 38.51 9.88
C LEU A 74 54.54 37.58 8.98
N TYR A 75 53.35 38.03 8.59
CA TYR A 75 52.50 37.22 7.72
C TYR A 75 53.18 37.00 6.38
N LYS A 76 53.69 38.06 5.76
CA LYS A 76 54.36 37.89 4.48
C LYS A 76 55.46 36.84 4.61
N ARG A 77 56.25 36.93 5.68
CA ARG A 77 57.34 36.00 5.95
C ARG A 77 56.86 34.55 6.11
N LEU A 78 55.89 34.32 6.98
CA LEU A 78 55.40 32.96 7.20
C LEU A 78 55.04 32.32 5.87
N LYS A 79 54.20 33.02 5.10
CA LYS A 79 53.74 32.56 3.78
C LYS A 79 54.83 31.96 2.94
N GLU A 80 55.93 32.69 2.83
CA GLU A 80 57.06 32.21 2.05
C GLU A 80 57.54 30.90 2.67
N PHE A 81 57.80 30.93 3.98
CA PHE A 81 58.24 29.74 4.71
C PHE A 81 57.50 28.49 4.27
N LEU A 82 56.18 28.60 4.13
CA LEU A 82 55.37 27.47 3.69
C LEU A 82 55.61 27.25 2.20
N LYS A 83 55.49 28.31 1.43
CA LYS A 83 55.68 28.24 0.00
C LYS A 83 56.95 27.50 -0.33
N ASN A 84 58.07 27.99 0.18
CA ASN A 84 59.35 27.35 -0.08
C ASN A 84 59.20 25.88 0.27
N TYR A 85 58.69 25.64 1.48
CA TYR A 85 59.02 24.27 2.14
C TYR A 85 58.28 23.33 1.19
N LEU A 86 57.03 23.64 0.89
CA LEU A 86 56.29 22.81 -0.04
C LEU A 86 56.98 22.77 -1.39
N THR A 87 57.24 23.94 -1.98
CA THR A 87 57.88 24.00 -3.30
C THR A 87 59.23 23.31 -3.35
N ASN A 88 59.79 23.02 -2.20
CA ASN A 88 61.07 22.35 -2.21
C ASN A 88 60.97 21.09 -1.40
N LEU A 89 59.93 20.31 -1.72
CA LEU A 89 59.63 19.02 -1.10
C LEU A 89 58.64 18.35 -2.06
N LEU A 90 58.36 19.05 -3.15
CA LEU A 90 57.48 18.55 -4.19
C LEU A 90 58.43 17.65 -4.96
N LYS A 91 59.66 18.15 -5.08
CA LYS A 91 60.74 17.46 -5.76
C LYS A 91 60.93 16.05 -5.20
N ASP A 92 60.68 15.88 -3.89
CA ASP A 92 60.78 14.57 -3.26
C ASP A 92 59.58 13.72 -3.68
N GLY A 93 58.52 14.39 -4.13
CA GLY A 93 57.31 13.69 -4.51
C GLY A 93 57.08 13.46 -5.98
N GLU A 94 57.33 14.49 -6.78
CA GLU A 94 57.16 14.41 -8.22
C GLU A 94 57.85 13.19 -8.78
N ASP A 95 57.02 12.61 -9.79
CA ASP A 95 57.50 11.41 -10.41
C ASP A 95 57.23 10.20 -9.54
N LEU A 96 56.64 10.34 -8.37
CA LEU A 96 56.38 9.22 -7.45
C LEU A 96 55.36 8.23 -8.04
N MET A 97 55.50 7.00 -7.56
CA MET A 97 54.69 5.87 -8.03
C MET A 97 53.24 6.02 -7.57
N ASP A 98 52.32 5.27 -8.24
CA ASP A 98 51.05 4.99 -7.67
C ASP A 98 51.09 3.73 -6.83
N GLU A 99 51.73 3.46 -5.77
CA GLU A 99 51.71 3.03 -4.39
C GLU A 99 52.50 3.98 -3.50
N SER A 100 53.76 3.99 -3.92
CA SER A 100 54.78 4.86 -3.35
C SER A 100 54.31 6.30 -3.26
N VAL A 101 53.56 6.84 -4.19
CA VAL A 101 53.17 8.25 -4.16
C VAL A 101 52.19 8.53 -3.04
N LEU A 102 51.16 7.70 -2.92
CA LEU A 102 50.18 7.87 -1.85
C LEU A 102 50.90 7.94 -0.49
N LYS A 103 51.69 6.92 -0.19
CA LYS A 103 52.45 6.91 1.05
C LYS A 103 53.01 8.31 1.22
N PHE A 104 53.61 8.83 0.17
CA PHE A 104 54.24 10.14 0.17
C PHE A 104 53.30 11.32 0.45
N TYR A 105 52.08 11.27 -0.11
CA TYR A 105 51.20 12.44 -0.09
C TYR A 105 50.57 12.21 1.27
N THR A 106 49.72 11.18 1.37
CA THR A 106 49.05 10.84 2.64
C THR A 106 49.97 11.16 3.81
N GLN A 107 51.10 10.53 3.84
CA GLN A 107 52.09 10.73 4.90
C GLN A 107 52.46 12.20 5.11
N GLN A 108 52.98 12.85 4.08
CA GLN A 108 53.34 14.24 4.16
C GLN A 108 52.12 15.05 4.60
N TRP A 109 50.91 14.55 4.33
CA TRP A 109 49.65 15.26 4.68
C TRP A 109 49.42 15.33 6.15
N GLU A 110 49.34 14.15 6.76
CA GLU A 110 49.20 14.07 8.19
C GLU A 110 50.30 14.92 8.82
N ASP A 111 51.55 14.49 8.58
CA ASP A 111 52.69 15.19 9.11
C ASP A 111 52.49 16.70 9.00
N TYR A 112 51.72 17.15 8.03
CA TYR A 112 51.60 18.61 7.71
C TYR A 112 50.46 19.31 8.37
N ARG A 113 49.31 18.67 8.36
CA ARG A 113 48.11 19.51 8.59
C ARG A 113 48.36 19.66 10.05
N PHE A 114 49.09 18.68 10.61
CA PHE A 114 49.44 18.68 12.06
C PHE A 114 50.29 19.86 12.46
N SER A 115 51.39 20.06 11.75
CA SER A 115 52.35 21.01 12.29
C SER A 115 51.63 22.27 11.83
N SER A 116 50.95 22.15 10.72
CA SER A 116 50.23 23.29 10.18
C SER A 116 49.40 23.92 11.27
N LYS A 117 48.57 23.09 11.89
CA LYS A 117 47.70 23.53 12.97
C LYS A 117 48.50 24.11 14.14
N VAL A 118 49.46 23.35 14.65
CA VAL A 118 50.25 23.80 15.78
C VAL A 118 50.99 25.09 15.44
N LEU A 119 51.01 25.43 14.15
CA LEU A 119 51.66 26.65 13.72
C LEU A 119 50.69 27.75 14.09
N ASN A 120 49.40 27.43 13.92
CA ASN A 120 48.31 28.37 14.20
C ASN A 120 48.56 28.97 15.55
N GLY A 121 49.01 28.16 16.50
CA GLY A 121 48.52 28.71 17.94
C GLY A 121 49.75 29.58 18.01
N ILE A 122 50.90 29.00 17.69
CA ILE A 122 52.18 29.70 17.96
C ILE A 122 52.01 31.04 17.28
N CYS A 123 51.10 31.06 16.32
CA CYS A 123 50.84 32.25 15.53
C CYS A 123 49.43 32.84 15.73
N ALA A 124 48.60 32.17 16.50
CA ALA A 124 47.23 32.61 16.71
C ALA A 124 47.06 34.09 16.96
N TYR A 125 47.91 34.68 17.80
CA TYR A 125 47.75 36.09 18.09
C TYR A 125 47.61 36.91 16.83
N LEU A 126 48.29 36.47 15.78
CA LEU A 126 48.28 37.17 14.51
C LEU A 126 46.98 37.01 13.75
N ASN A 127 46.33 35.90 13.96
CA ASN A 127 45.08 35.66 13.31
C ASN A 127 44.00 36.64 13.75
N ARG A 128 44.00 37.02 15.00
CA ARG A 128 42.78 37.68 15.48
C ARG A 128 42.64 39.16 15.46
N HIS A 129 43.61 39.80 15.06
CA HIS A 129 43.47 41.16 15.00
C HIS A 129 43.89 41.47 13.60
N TRP A 130 45.17 41.41 13.49
CA TRP A 130 45.85 41.84 12.28
C TRP A 130 45.24 41.42 10.95
N VAL A 131 44.62 40.29 10.97
CA VAL A 131 43.98 39.71 9.79
C VAL A 131 42.55 40.19 9.66
N ARG A 132 41.99 40.35 10.84
CA ARG A 132 40.67 40.83 11.08
C ARG A 132 40.49 42.08 10.25
N ARG A 133 41.61 42.76 10.03
CA ARG A 133 41.58 43.96 9.21
C ARG A 133 41.96 43.53 7.80
N GLU A 134 40.96 43.24 6.98
CA GLU A 134 41.22 42.80 5.62
C GLU A 134 40.08 43.29 4.74
N CYS A 135 38.99 43.67 5.41
CA CYS A 135 37.80 44.17 4.74
C CYS A 135 38.21 45.41 3.98
N LYS A 140 41.20 41.09 0.97
CA LYS A 140 42.00 40.83 -0.26
C LYS A 140 42.55 39.41 -0.20
N GLY A 141 43.85 39.26 -0.45
CA GLY A 141 44.47 37.96 -0.40
C GLY A 141 44.78 37.57 1.03
N ILE A 142 45.77 38.26 1.60
CA ILE A 142 46.17 38.05 2.99
C ILE A 142 45.03 37.88 4.00
N TYR A 143 44.88 36.69 4.64
CA TYR A 143 43.73 36.62 5.57
C TYR A 143 43.74 35.83 6.88
N GLU A 144 43.99 34.53 6.88
CA GLU A 144 43.96 33.74 8.12
C GLU A 144 45.28 32.99 8.10
N ILE A 145 45.46 31.88 8.82
CA ILE A 145 46.74 31.18 8.69
C ILE A 145 46.56 29.70 8.46
N TYR A 146 46.02 28.99 9.44
CA TYR A 146 45.82 27.59 9.20
C TYR A 146 45.23 27.49 7.79
N SER A 147 44.31 28.39 7.45
CA SER A 147 43.72 28.37 6.12
C SER A 147 44.86 28.44 5.09
N LEU A 148 45.74 29.41 5.29
CA LEU A 148 46.88 29.63 4.41
C LEU A 148 47.58 28.31 4.15
N ALA A 149 48.09 27.69 5.23
CA ALA A 149 48.79 26.41 5.13
C ALA A 149 48.08 25.51 4.12
N LEU A 150 46.78 25.34 4.30
CA LEU A 150 45.98 24.53 3.38
C LEU A 150 46.10 25.18 2.03
N VAL A 151 45.64 26.43 1.96
CA VAL A 151 45.70 27.16 0.70
C VAL A 151 47.05 26.92 0.06
N THR A 152 48.14 27.16 0.77
CA THR A 152 49.46 26.94 0.16
C THR A 152 49.70 25.50 -0.32
N TRP A 153 49.28 24.51 0.46
CA TRP A 153 49.43 23.10 0.07
C TRP A 153 48.83 22.99 -1.34
N ARG A 154 47.96 23.93 -1.68
CA ARG A 154 47.37 23.93 -3.00
C ARG A 154 48.34 24.67 -3.95
N ASP A 155 49.51 24.08 -4.01
CA ASP A 155 50.64 24.46 -4.85
C ASP A 155 51.47 23.17 -4.69
N CYS A 156 50.75 22.13 -4.25
CA CYS A 156 51.23 20.77 -4.04
C CYS A 156 50.12 19.75 -4.42
N LEU A 157 48.97 20.22 -4.87
CA LEU A 157 47.85 19.39 -5.33
C LEU A 157 47.53 19.77 -6.79
N PHE A 158 46.98 20.98 -6.98
CA PHE A 158 46.44 21.27 -8.32
C PHE A 158 47.14 20.60 -9.50
N ARG A 159 48.45 20.60 -9.57
CA ARG A 159 49.08 20.08 -10.78
C ARG A 159 50.13 19.03 -10.53
N PRO A 160 50.67 19.17 -9.37
CA PRO A 160 51.74 18.28 -8.93
C PRO A 160 51.37 16.78 -8.90
N LEU A 161 50.89 16.39 -7.76
CA LEU A 161 50.54 15.02 -7.48
C LEU A 161 49.11 14.67 -7.85
N ASN A 162 48.19 15.54 -7.57
CA ASN A 162 46.79 15.42 -7.98
C ASN A 162 46.42 14.30 -8.93
N LYS A 163 46.37 14.62 -10.21
CA LYS A 163 46.04 13.58 -11.13
C LYS A 163 46.61 12.24 -10.62
N GLN A 164 47.92 12.27 -10.62
CA GLN A 164 48.92 11.27 -10.17
C GLN A 164 48.50 10.49 -8.93
N VAL A 165 48.31 11.27 -7.85
CA VAL A 165 47.84 10.71 -6.56
C VAL A 165 46.49 9.99 -6.69
N THR A 166 45.58 10.56 -7.49
CA THR A 166 44.28 9.93 -7.71
C THR A 166 44.34 8.67 -8.58
N ASN A 167 45.27 8.64 -9.53
CA ASN A 167 45.36 7.44 -10.34
C ASN A 167 45.91 6.40 -9.40
N ALA A 168 46.87 6.79 -8.57
CA ALA A 168 47.40 5.85 -7.62
C ALA A 168 46.19 5.19 -6.94
N VAL A 169 45.41 6.02 -6.24
CA VAL A 169 44.20 5.56 -5.56
C VAL A 169 43.40 4.67 -6.46
N LEU A 170 43.23 5.12 -7.71
CA LEU A 170 42.44 4.35 -8.65
C LEU A 170 42.96 2.91 -8.86
N LYS A 171 44.28 2.77 -9.01
CA LYS A 171 44.92 1.49 -9.20
C LYS A 171 44.46 0.59 -8.05
N LEU A 172 44.86 1.00 -6.84
CA LEU A 172 44.51 0.30 -5.60
C LEU A 172 43.04 -0.11 -5.59
N ILE A 173 42.14 0.87 -5.54
CA ILE A 173 40.72 0.58 -5.53
C ILE A 173 40.37 -0.45 -6.58
N GLU A 174 41.18 -0.51 -7.66
CA GLU A 174 40.92 -1.45 -8.75
C GLU A 174 41.28 -2.84 -8.36
N LYS A 175 42.17 -2.96 -7.38
CA LYS A 175 42.46 -4.27 -6.83
C LYS A 175 41.20 -4.42 -5.95
N GLU A 176 40.10 -4.28 -6.69
CA GLU A 176 38.68 -4.32 -6.36
C GLU A 176 38.51 -5.74 -6.88
N ARG A 177 39.64 -6.21 -7.39
CA ARG A 177 39.83 -7.54 -7.93
C ARG A 177 40.25 -8.19 -6.63
N ASN A 178 40.90 -9.30 -6.66
CA ASN A 178 41.36 -9.91 -5.41
C ASN A 178 42.23 -9.01 -4.42
N GLY A 179 42.34 -7.66 -4.56
CA GLY A 179 43.14 -6.68 -3.75
C GLY A 179 43.69 -7.05 -2.35
N GLU A 180 44.60 -6.16 -1.83
CA GLU A 180 45.29 -6.25 -0.50
C GLU A 180 44.69 -5.17 0.43
N THR A 181 44.69 -5.40 1.77
CA THR A 181 43.82 -4.58 2.67
C THR A 181 44.04 -3.15 3.23
N ILE A 182 45.27 -2.69 3.41
CA ILE A 182 45.66 -1.45 4.13
C ILE A 182 45.72 -0.13 3.36
N ASN A 183 45.76 -0.19 2.05
CA ASN A 183 45.89 1.04 1.29
C ASN A 183 44.73 1.96 1.60
N THR A 184 43.81 1.36 2.31
CA THR A 184 42.69 2.03 2.87
C THR A 184 43.22 3.37 3.34
N ARG A 185 44.25 3.29 4.19
CA ARG A 185 44.90 4.48 4.71
C ARG A 185 45.44 5.30 3.57
N LEU A 186 45.95 4.60 2.57
CA LEU A 186 46.51 5.21 1.35
C LEU A 186 45.43 6.03 0.57
N ILE A 187 44.21 5.45 0.47
CA ILE A 187 43.10 6.07 -0.26
C ILE A 187 42.40 7.12 0.60
N SER A 188 41.84 6.67 1.73
CA SER A 188 41.15 7.58 2.64
C SER A 188 42.06 8.77 2.92
N GLY A 189 43.36 8.51 2.96
CA GLY A 189 44.31 9.56 3.22
C GLY A 189 44.20 10.68 2.19
N VAL A 190 44.06 10.30 0.92
CA VAL A 190 43.92 11.26 -0.16
C VAL A 190 42.59 11.97 0.11
N VAL A 191 41.49 11.22 0.02
CA VAL A 191 40.16 11.78 0.30
C VAL A 191 40.21 12.82 1.40
N GLN A 192 40.84 12.50 2.51
CA GLN A 192 40.98 13.46 3.58
C GLN A 192 41.33 14.78 2.91
N SER A 193 42.48 14.82 2.23
CA SER A 193 43.11 16.21 1.96
C SER A 193 42.27 16.73 0.78
N TYR A 194 41.79 15.86 -0.07
CA TYR A 194 41.01 16.37 -1.17
C TYR A 194 39.80 17.11 -0.65
N VAL A 195 39.25 16.65 0.45
CA VAL A 195 38.11 17.35 1.01
C VAL A 195 38.62 18.66 1.64
N GLU A 196 39.57 18.54 2.55
CA GLU A 196 39.50 19.77 3.63
C GLU A 196 40.18 20.83 2.77
N LEU A 197 40.79 20.38 1.69
CA LEU A 197 41.42 21.32 0.72
C LEU A 197 40.23 22.10 0.08
N GLY A 198 39.01 21.45 0.32
CA GLY A 198 37.59 21.79 -0.05
C GLY A 198 37.56 23.23 -0.21
N LEU A 199 36.98 23.81 -1.23
CA LEU A 199 37.80 25.03 -1.06
C LEU A 199 36.99 26.16 -0.44
N ASN A 200 38.13 26.46 0.24
CA ASN A 200 38.66 27.31 1.18
C ASN A 200 38.90 28.71 0.64
N GLU A 201 39.74 28.82 -0.37
CA GLU A 201 39.98 30.10 -0.97
C GLU A 201 38.71 30.94 -0.91
N ASP A 202 38.91 32.19 -0.56
CA ASP A 202 37.85 33.16 -0.44
C ASP A 202 36.63 32.58 0.27
N LEU A 211 33.50 20.34 -0.57
CA LEU A 211 33.30 19.12 -1.42
C LEU A 211 33.45 19.34 -2.91
N THR A 212 34.26 20.32 -3.33
CA THR A 212 34.42 20.54 -4.77
C THR A 212 35.69 19.83 -5.20
N VAL A 213 36.85 20.34 -4.81
CA VAL A 213 38.11 19.68 -5.17
C VAL A 213 37.93 18.17 -5.09
N TYR A 214 37.86 17.62 -3.90
CA TYR A 214 37.65 16.19 -3.75
C TYR A 214 36.65 15.69 -4.80
N LYS A 215 35.71 16.54 -5.16
CA LYS A 215 34.76 16.09 -6.15
C LYS A 215 35.24 16.33 -7.58
N GLU A 216 35.99 17.39 -7.82
CA GLU A 216 36.46 17.68 -9.17
C GLU A 216 37.64 16.82 -9.46
N SER A 217 38.52 16.86 -8.51
CA SER A 217 39.69 16.14 -8.62
C SER A 217 39.42 14.65 -8.46
N PHE A 218 38.54 14.23 -7.58
CA PHE A 218 38.51 12.82 -7.39
C PHE A 218 37.26 12.07 -7.76
N GLU A 219 36.20 12.36 -7.06
CA GLU A 219 34.95 11.66 -7.28
C GLU A 219 34.54 11.55 -8.74
N SER A 220 34.94 12.54 -9.54
CA SER A 220 34.71 12.54 -10.97
C SER A 220 35.30 11.34 -11.70
N GLN A 221 36.63 11.22 -11.62
CA GLN A 221 37.35 10.13 -12.24
C GLN A 221 36.96 8.80 -11.60
N PHE A 222 37.17 8.71 -10.28
CA PHE A 222 36.86 7.51 -9.51
C PHE A 222 35.56 6.92 -10.00
N LEU A 223 34.55 7.76 -10.03
CA LEU A 223 33.23 7.32 -10.43
C LEU A 223 33.31 6.80 -11.82
N ALA A 224 33.93 7.59 -12.69
CA ALA A 224 34.11 7.27 -14.12
C ALA A 224 34.71 5.90 -14.24
N ASP A 225 35.94 5.78 -13.76
CA ASP A 225 36.61 4.50 -13.80
C ASP A 225 35.72 3.36 -13.29
N THR A 226 35.04 3.60 -12.17
CA THR A 226 34.14 2.60 -11.59
C THR A 226 33.06 2.18 -12.57
N GLU A 227 32.57 3.15 -13.33
CA GLU A 227 31.52 2.89 -14.27
C GLU A 227 31.95 1.94 -15.38
N ARG A 228 33.23 1.95 -15.70
CA ARG A 228 33.77 1.05 -16.73
C ARG A 228 34.06 -0.32 -16.12
N PHE A 229 34.79 -0.32 -15.01
CA PHE A 229 35.14 -1.57 -14.32
C PHE A 229 33.97 -2.53 -14.32
N TYR A 230 32.81 -2.08 -13.87
CA TYR A 230 31.69 -3.01 -13.83
C TYR A 230 31.02 -3.32 -15.17
N THR A 231 31.33 -2.53 -16.22
CA THR A 231 30.76 -2.80 -17.55
C THR A 231 31.56 -3.93 -18.15
N ARG A 232 32.89 -3.86 -18.01
CA ARG A 232 33.72 -4.94 -18.51
C ARG A 232 33.34 -6.20 -17.76
N GLU A 233 33.22 -6.10 -16.43
CA GLU A 233 32.91 -7.28 -15.65
C GLU A 233 31.51 -7.86 -15.87
N SER A 234 30.49 -7.02 -15.73
CA SER A 234 29.13 -7.50 -15.87
C SER A 234 28.91 -8.37 -17.10
N THR A 235 29.00 -7.77 -18.28
CA THR A 235 28.79 -8.49 -19.51
C THR A 235 29.67 -9.73 -19.72
N GLU A 236 30.99 -9.56 -19.67
CA GLU A 236 31.90 -10.67 -19.84
C GLU A 236 31.31 -11.81 -19.02
N PHE A 237 30.91 -11.48 -17.80
CA PHE A 237 30.35 -12.44 -16.89
C PHE A 237 29.11 -13.11 -17.43
N LEU A 238 28.16 -12.31 -17.87
CA LEU A 238 26.90 -12.83 -18.38
C LEU A 238 27.06 -13.69 -19.61
N GLN A 239 28.29 -13.83 -20.07
CA GLN A 239 28.55 -14.66 -21.23
C GLN A 239 28.73 -16.11 -20.78
N GLN A 240 29.57 -16.30 -19.76
CA GLN A 240 29.84 -17.64 -19.24
C GLN A 240 29.14 -17.99 -17.92
N ASN A 241 28.08 -17.30 -17.57
CA ASN A 241 27.42 -17.62 -16.32
C ASN A 241 25.98 -17.20 -16.47
N PRO A 242 25.11 -17.83 -15.56
CA PRO A 242 23.65 -17.55 -15.39
C PRO A 242 23.29 -16.19 -15.08
N VAL A 243 22.22 -15.79 -15.62
CA VAL A 243 21.77 -14.51 -15.27
C VAL A 243 21.76 -14.40 -13.74
N THR A 244 20.97 -15.37 -13.24
CA THR A 244 20.58 -15.81 -11.88
C THR A 244 21.73 -16.45 -11.18
N GLU A 245 22.83 -15.88 -11.37
CA GLU A 245 24.05 -16.29 -10.79
C GLU A 245 24.82 -15.03 -10.92
N TYR A 246 24.37 -14.23 -11.87
CA TYR A 246 24.96 -12.95 -12.13
C TYR A 246 24.44 -12.01 -11.09
N MET A 247 23.12 -12.00 -10.96
CA MET A 247 22.46 -11.13 -10.01
C MET A 247 23.08 -11.24 -8.61
N LYS A 248 23.48 -12.46 -8.21
CA LYS A 248 24.13 -12.69 -6.92
C LYS A 248 25.45 -11.97 -6.96
N LYS A 249 26.04 -11.89 -8.16
CA LYS A 249 27.30 -11.17 -8.31
C LYS A 249 26.94 -9.69 -8.45
N ALA A 250 25.78 -9.42 -9.00
CA ALA A 250 25.30 -8.06 -9.14
C ALA A 250 25.12 -7.55 -7.71
N GLU A 251 24.32 -8.31 -6.97
CA GLU A 251 23.68 -7.75 -5.73
C GLU A 251 24.89 -7.54 -4.85
N ALA A 252 25.85 -8.44 -4.99
CA ALA A 252 27.08 -8.41 -4.21
C ALA A 252 27.91 -7.12 -4.31
N ARG A 253 28.25 -6.73 -5.54
CA ARG A 253 29.04 -5.52 -5.76
C ARG A 253 28.39 -4.22 -5.29
N LEU A 254 27.07 -4.13 -5.42
CA LEU A 254 26.38 -2.93 -4.95
C LEU A 254 26.65 -2.80 -3.44
N LEU A 255 26.36 -3.86 -2.70
CA LEU A 255 26.63 -3.83 -1.28
C LEU A 255 28.12 -3.51 -1.21
N GLU A 256 28.97 -4.35 -1.82
CA GLU A 256 30.41 -4.11 -1.80
C GLU A 256 30.86 -2.65 -1.94
N GLU A 257 30.47 -1.96 -3.01
CA GLU A 257 30.91 -0.57 -3.18
C GLU A 257 30.28 0.37 -2.14
N GLN A 258 29.13 -0.03 -1.59
CA GLN A 258 28.44 0.72 -0.52
C GLN A 258 29.40 0.73 0.64
N ARG A 259 29.92 -0.46 0.92
CA ARG A 259 30.85 -0.70 2.02
C ARG A 259 32.12 0.11 1.87
N ARG A 260 32.65 0.21 0.66
CA ARG A 260 33.89 0.96 0.45
C ARG A 260 33.77 2.45 0.70
N VAL A 261 32.61 2.99 0.34
CA VAL A 261 32.39 4.41 0.54
C VAL A 261 32.49 4.69 2.02
N GLN A 262 31.89 3.81 2.82
CA GLN A 262 31.87 3.92 4.29
C GLN A 262 33.30 3.73 4.82
N VAL A 263 33.92 2.62 4.47
CA VAL A 263 35.27 2.32 4.94
C VAL A 263 36.33 3.39 4.67
N TYR A 264 36.37 3.98 3.48
CA TYR A 264 37.38 5.02 3.19
C TYR A 264 37.17 6.15 2.18
N LEU A 265 36.09 6.18 1.41
CA LEU A 265 35.91 7.31 0.49
C LEU A 265 35.00 8.27 1.23
N HIS A 266 34.95 9.55 0.85
CA HIS A 266 34.03 10.48 1.54
C HIS A 266 32.58 10.10 1.24
N GLU A 267 31.71 10.11 2.26
CA GLU A 267 30.30 9.70 2.11
C GLU A 267 29.46 10.34 1.02
N SER A 268 29.67 11.63 0.80
CA SER A 268 28.93 12.36 -0.22
C SER A 268 28.93 11.54 -1.48
N THR A 269 29.96 10.72 -1.65
CA THR A 269 30.10 9.89 -2.83
C THR A 269 29.36 8.58 -2.75
N GLN A 270 28.17 8.55 -2.16
CA GLN A 270 27.47 7.28 -2.08
C GLN A 270 26.27 7.13 -2.97
N ASP A 271 25.31 8.03 -2.83
CA ASP A 271 24.12 7.94 -3.65
C ASP A 271 24.52 7.60 -5.07
N GLU A 272 25.16 8.59 -5.70
CA GLU A 272 25.63 8.48 -7.07
C GLU A 272 26.24 7.13 -7.36
N LEU A 273 27.39 6.80 -6.76
CA LEU A 273 28.00 5.49 -7.01
C LEU A 273 26.91 4.41 -7.05
N ALA A 274 26.02 4.42 -6.06
CA ALA A 274 24.85 3.57 -6.17
C ALA A 274 24.06 3.77 -7.46
N ARG A 275 23.94 5.03 -7.87
CA ARG A 275 23.21 5.34 -9.08
C ARG A 275 23.93 4.65 -10.23
N LYS A 276 25.17 5.07 -10.46
CA LYS A 276 25.98 4.50 -11.53
C LYS A 276 25.93 2.98 -11.52
N CYS A 277 26.30 2.38 -10.38
CA CYS A 277 26.67 0.92 -10.46
C CYS A 277 25.33 0.28 -10.77
N GLU A 278 24.26 0.78 -10.20
CA GLU A 278 22.93 0.19 -10.40
C GLU A 278 22.59 0.03 -11.87
N GLN A 279 22.67 1.13 -12.61
CA GLN A 279 22.38 1.17 -14.05
C GLN A 279 23.06 0.05 -14.77
N VAL A 280 24.31 0.18 -14.63
CA VAL A 280 25.33 -0.68 -15.14
C VAL A 280 25.06 -2.19 -14.91
N LEU A 281 24.91 -2.60 -13.59
CA LEU A 281 24.76 -4.04 -13.17
C LEU A 281 23.36 -4.61 -13.19
N ILE A 282 22.26 -3.72 -13.27
CA ILE A 282 20.90 -4.25 -13.26
C ILE A 282 20.15 -3.80 -14.52
N GLU A 283 20.27 -2.67 -15.17
CA GLU A 283 19.32 -2.34 -16.21
C GLU A 283 19.89 -2.64 -17.60
N LYS A 284 21.01 -2.10 -17.96
CA LYS A 284 21.80 -2.33 -19.15
C LYS A 284 21.69 -3.79 -19.60
N HIS A 285 21.48 -4.56 -18.62
CA HIS A 285 21.26 -5.99 -18.66
C HIS A 285 19.79 -6.31 -18.44
N LEU A 286 19.10 -5.18 -18.26
CA LEU A 286 17.68 -5.15 -18.01
C LEU A 286 16.97 -5.97 -19.08
N GLU A 287 17.66 -6.28 -20.18
CA GLU A 287 17.06 -7.07 -21.25
C GLU A 287 17.19 -8.57 -21.03
N ILE A 288 18.37 -9.00 -20.54
CA ILE A 288 18.57 -10.42 -20.27
C ILE A 288 17.65 -10.73 -19.13
N PHE A 289 17.59 -9.80 -18.17
CA PHE A 289 16.69 -10.01 -17.06
C PHE A 289 15.29 -10.20 -17.66
N HIS A 290 14.78 -9.21 -18.39
CA HIS A 290 13.42 -9.33 -18.96
C HIS A 290 13.19 -10.67 -19.58
N THR A 291 14.23 -11.19 -20.23
CA THR A 291 14.11 -12.46 -20.91
C THR A 291 14.10 -13.58 -19.90
N GLU A 292 15.07 -13.57 -18.97
CA GLU A 292 15.32 -14.74 -18.10
C GLU A 292 14.05 -14.88 -17.23
N PHE A 293 13.61 -13.73 -16.72
CA PHE A 293 12.42 -13.63 -15.90
C PHE A 293 11.42 -14.68 -16.36
N GLN A 294 10.98 -14.56 -17.60
CA GLN A 294 10.01 -15.51 -18.12
C GLN A 294 10.39 -16.97 -17.89
N ASN A 295 11.69 -17.24 -17.79
CA ASN A 295 12.17 -18.59 -17.55
C ASN A 295 11.78 -19.05 -16.15
N LEU A 296 12.26 -18.30 -15.16
CA LEU A 296 11.98 -18.61 -13.78
C LEU A 296 10.47 -18.85 -13.68
N LEU A 297 9.68 -17.87 -14.04
CA LEU A 297 8.23 -18.00 -13.99
C LEU A 297 7.76 -19.37 -14.47
N ASP A 298 8.46 -19.89 -15.49
CA ASP A 298 8.14 -21.20 -16.05
C ASP A 298 8.64 -22.28 -15.12
N ALA A 299 9.84 -22.09 -14.61
CA ALA A 299 10.34 -23.02 -13.63
C ALA A 299 9.68 -22.34 -12.46
N ASP A 300 10.15 -22.56 -11.25
CA ASP A 300 9.54 -21.92 -10.15
C ASP A 300 10.64 -21.41 -9.27
N LYS A 301 11.71 -20.99 -9.93
CA LYS A 301 12.91 -20.53 -9.20
C LYS A 301 12.63 -19.28 -8.39
N ASN A 302 11.70 -19.33 -7.44
CA ASN A 302 11.27 -18.12 -6.74
C ASN A 302 12.46 -17.26 -6.26
N GLU A 303 13.27 -17.77 -5.35
CA GLU A 303 14.55 -17.22 -4.83
C GLU A 303 15.38 -16.34 -5.81
N ASP A 304 15.38 -16.80 -7.03
CA ASP A 304 16.02 -16.09 -8.13
C ASP A 304 15.05 -15.02 -8.55
N LEU A 305 13.92 -15.51 -9.07
CA LEU A 305 12.82 -14.66 -9.49
C LEU A 305 12.74 -13.46 -8.54
N GLY A 306 12.85 -13.76 -7.25
CA GLY A 306 12.80 -12.77 -6.19
C GLY A 306 13.93 -11.74 -6.15
N ARG A 307 15.19 -12.15 -6.21
CA ARG A 307 16.19 -11.11 -6.14
C ARG A 307 16.21 -10.32 -7.43
N MET A 308 15.38 -10.73 -8.38
CA MET A 308 15.26 -9.97 -9.63
C MET A 308 14.32 -8.80 -9.29
N TYR A 309 13.11 -9.13 -8.80
CA TYR A 309 12.16 -8.11 -8.39
C TYR A 309 12.85 -7.18 -7.38
N ASN A 310 14.03 -7.56 -6.90
CA ASN A 310 14.74 -6.71 -5.96
C ASN A 310 15.80 -5.92 -6.67
N LEU A 311 16.42 -6.54 -7.69
CA LEU A 311 17.49 -5.87 -8.44
C LEU A 311 16.95 -4.87 -9.44
N VAL A 312 15.86 -5.24 -10.11
CA VAL A 312 15.22 -4.34 -11.08
C VAL A 312 14.70 -3.17 -10.30
N SER A 313 13.85 -3.50 -9.32
CA SER A 313 13.22 -2.50 -8.47
C SER A 313 14.09 -1.28 -8.29
N ARG A 314 15.40 -1.49 -8.28
CA ARG A 314 16.33 -0.42 -8.07
C ARG A 314 16.47 0.51 -9.27
N ILE A 315 15.80 0.20 -10.37
CA ILE A 315 15.90 0.99 -11.59
C ILE A 315 14.57 1.62 -11.99
N GLN A 316 14.58 2.91 -12.30
CA GLN A 316 13.37 3.67 -12.67
C GLN A 316 12.33 2.99 -13.58
N ASP A 317 11.13 2.76 -13.05
CA ASP A 317 10.07 2.12 -13.81
C ASP A 317 10.55 0.96 -14.68
N GLY A 318 11.68 0.35 -14.31
CA GLY A 318 12.20 -0.76 -15.08
C GLY A 318 11.42 -2.05 -14.91
N LEU A 319 10.41 -2.02 -14.06
CA LEU A 319 9.59 -3.21 -13.82
C LEU A 319 8.49 -3.43 -14.82
N GLY A 320 7.99 -2.31 -15.37
CA GLY A 320 6.91 -2.36 -16.33
C GLY A 320 6.78 -3.68 -17.05
N GLU A 321 7.90 -4.20 -17.55
CA GLU A 321 7.89 -5.45 -18.27
C GLU A 321 7.59 -6.65 -17.39
N LEU A 322 8.34 -6.83 -16.30
CA LEU A 322 8.08 -7.98 -15.42
C LEU A 322 6.57 -7.99 -15.11
N LYS A 323 6.04 -6.85 -14.66
CA LYS A 323 4.62 -6.76 -14.38
C LYS A 323 3.76 -7.24 -15.56
N LYS A 324 3.95 -6.68 -16.75
CA LYS A 324 3.16 -7.13 -17.89
C LYS A 324 3.54 -8.57 -18.23
N LEU A 325 4.80 -8.89 -18.00
CA LEU A 325 5.32 -10.23 -18.27
C LEU A 325 4.62 -11.20 -17.34
N LEU A 326 4.77 -10.97 -16.04
CA LEU A 326 4.12 -11.84 -15.06
C LEU A 326 2.65 -12.01 -15.39
N GLU A 327 1.95 -10.89 -15.55
CA GLU A 327 0.52 -10.95 -15.86
C GLU A 327 0.18 -11.89 -17.00
N THR A 328 1.03 -11.92 -18.04
CA THR A 328 0.77 -12.81 -19.17
C THR A 328 0.88 -14.22 -18.69
N HIS A 329 1.85 -14.45 -17.81
CA HIS A 329 2.06 -15.79 -17.29
C HIS A 329 0.83 -16.45 -16.67
N ILE A 330 0.22 -15.76 -15.71
CA ILE A 330 -0.56 -16.72 -14.70
C ILE A 330 -1.85 -16.70 -15.50
N HIS A 331 -1.94 -15.77 -16.45
CA HIS A 331 -3.12 -15.70 -17.31
C HIS A 331 -3.13 -16.98 -18.15
N ASN A 332 -1.94 -17.35 -18.61
CA ASN A 332 -1.77 -18.57 -19.39
C ASN A 332 -1.80 -19.75 -18.46
N GLN A 333 -1.33 -19.55 -17.24
CA GLN A 333 -1.31 -20.63 -16.26
C GLN A 333 -2.70 -21.05 -15.83
N GLY A 334 -3.49 -20.11 -15.31
CA GLY A 334 -4.85 -20.45 -14.89
C GLY A 334 -5.56 -21.02 -16.11
N LEU A 335 -5.02 -20.66 -17.26
CA LEU A 335 -5.57 -21.10 -18.52
C LEU A 335 -5.39 -22.60 -18.70
N ALA A 336 -4.15 -23.04 -18.75
CA ALA A 336 -3.90 -24.41 -19.32
C ALA A 336 -4.57 -25.18 -18.20
N ALA A 337 -4.35 -24.70 -16.99
CA ALA A 337 -4.90 -25.31 -15.79
C ALA A 337 -6.34 -25.77 -15.92
N ILE A 338 -7.26 -24.83 -16.15
CA ILE A 338 -8.67 -25.20 -16.24
C ILE A 338 -8.95 -26.07 -17.47
N GLU A 339 -8.03 -26.18 -18.38
CA GLU A 339 -8.35 -26.91 -19.59
C GLU A 339 -8.02 -28.33 -19.40
N LYS A 340 -7.02 -28.51 -18.59
CA LYS A 340 -6.48 -29.82 -18.31
C LYS A 340 -7.52 -30.63 -17.62
N CYS A 341 -8.47 -29.88 -17.08
CA CYS A 341 -9.64 -30.52 -16.53
C CYS A 341 -10.88 -30.45 -17.48
N GLY A 342 -11.44 -29.37 -18.00
CA GLY A 342 -12.75 -29.55 -18.67
C GLY A 342 -12.96 -29.76 -20.15
N GLU A 343 -13.74 -30.77 -20.44
CA GLU A 343 -14.22 -31.16 -21.76
C GLU A 343 -15.55 -31.74 -21.38
N ALA A 344 -15.47 -32.80 -20.61
CA ALA A 344 -16.60 -33.35 -19.90
C ALA A 344 -16.24 -33.31 -18.43
N ALA A 345 -15.42 -32.33 -18.07
CA ALA A 345 -14.98 -32.16 -16.69
C ALA A 345 -15.46 -30.83 -16.11
N LEU A 346 -16.14 -30.04 -16.93
CA LEU A 346 -16.68 -28.78 -16.45
C LEU A 346 -17.96 -29.23 -15.77
N ASN A 347 -18.36 -30.46 -16.09
CA ASN A 347 -19.57 -31.07 -15.53
C ASN A 347 -19.28 -31.45 -14.09
N ASP A 348 -18.49 -30.62 -13.42
CA ASP A 348 -18.09 -30.83 -12.03
C ASP A 348 -17.88 -29.47 -11.36
N PRO A 349 -18.97 -28.90 -10.81
CA PRO A 349 -18.97 -27.62 -10.12
C PRO A 349 -17.69 -27.25 -9.36
N LYS A 350 -17.34 -28.04 -8.35
CA LYS A 350 -16.16 -27.75 -7.52
C LYS A 350 -14.78 -27.77 -8.22
N MET A 351 -14.41 -28.92 -8.80
CA MET A 351 -13.10 -29.07 -9.45
C MET A 351 -12.72 -27.80 -10.16
N TYR A 352 -13.69 -27.24 -10.89
CA TYR A 352 -13.49 -25.99 -11.59
C TYR A 352 -13.09 -24.95 -10.58
N VAL A 353 -13.86 -24.85 -9.50
CA VAL A 353 -13.81 -23.33 -8.92
C VAL A 353 -12.48 -23.59 -8.27
N GLN A 354 -12.26 -24.85 -7.90
CA GLN A 354 -11.03 -25.27 -7.26
C GLN A 354 -9.86 -24.92 -8.16
N THR A 355 -9.77 -25.59 -9.30
CA THR A 355 -8.71 -25.35 -10.27
C THR A 355 -8.29 -23.88 -10.27
N VAL A 356 -9.28 -23.01 -10.43
CA VAL A 356 -9.05 -21.56 -10.42
C VAL A 356 -8.26 -21.16 -9.18
N LEU A 357 -8.79 -21.62 -8.05
CA LEU A 357 -8.47 -20.80 -6.78
C LEU A 357 -7.03 -21.20 -6.63
N ASP A 358 -6.75 -22.50 -6.75
CA ASP A 358 -5.38 -22.97 -6.62
C ASP A 358 -4.44 -22.01 -7.32
N VAL A 359 -4.51 -21.94 -8.65
CA VAL A 359 -3.63 -21.06 -9.38
C VAL A 359 -3.57 -19.74 -8.66
N HIS A 360 -4.72 -19.17 -8.37
CA HIS A 360 -4.72 -17.87 -7.69
C HIS A 360 -3.75 -17.91 -6.49
N LYS A 361 -3.91 -18.91 -5.62
CA LYS A 361 -3.05 -19.04 -4.46
C LYS A 361 -1.55 -19.02 -4.77
N LYS A 362 -1.10 -19.90 -5.65
CA LYS A 362 0.31 -19.96 -6.01
C LYS A 362 0.93 -18.61 -6.27
N TYR A 363 0.27 -17.85 -7.15
CA TYR A 363 0.74 -16.53 -7.56
C TYR A 363 0.47 -15.39 -6.58
N ASN A 364 -0.60 -15.46 -5.82
CA ASN A 364 -0.80 -14.41 -4.84
C ASN A 364 0.39 -14.69 -3.93
N ALA A 365 0.54 -15.98 -3.60
CA ALA A 365 1.62 -16.49 -2.76
C ALA A 365 2.96 -15.88 -3.17
N LEU A 366 3.29 -15.97 -4.46
CA LEU A 366 4.53 -15.42 -5.03
C LEU A 366 4.60 -13.90 -5.08
N VAL A 367 3.45 -13.23 -5.19
CA VAL A 367 3.41 -11.77 -5.22
C VAL A 367 3.99 -11.13 -3.93
N MET A 368 3.43 -11.56 -2.79
CA MET A 368 3.87 -11.09 -1.49
C MET A 368 5.35 -11.41 -1.29
N SER A 369 5.64 -12.71 -1.33
CA SER A 369 6.99 -13.25 -1.17
C SER A 369 8.05 -12.76 -2.15
N ALA A 370 7.84 -13.11 -3.42
CA ALA A 370 8.75 -12.74 -4.49
C ALA A 370 8.81 -11.26 -4.81
N PHE A 371 7.66 -10.70 -5.19
CA PHE A 371 7.59 -9.29 -5.58
C PHE A 371 7.17 -8.30 -4.50
N ASN A 372 7.35 -8.70 -3.23
CA ASN A 372 7.09 -7.82 -2.08
C ASN A 372 5.72 -7.16 -2.03
N ASN A 373 4.71 -7.87 -2.53
CA ASN A 373 3.35 -7.34 -2.56
C ASN A 373 3.27 -5.96 -3.22
N ASP A 374 4.22 -5.69 -4.12
CA ASP A 374 4.25 -4.43 -4.84
C ASP A 374 2.86 -4.34 -5.49
N ALA A 375 2.24 -3.17 -5.43
CA ALA A 375 0.91 -2.98 -6.01
C ALA A 375 0.91 -3.39 -7.47
N GLY A 376 2.01 -3.05 -8.14
CA GLY A 376 2.16 -3.37 -9.54
C GLY A 376 1.90 -4.82 -9.90
N PHE A 377 2.34 -5.75 -9.06
CA PHE A 377 2.14 -7.16 -9.38
C PHE A 377 0.82 -7.70 -8.94
N VAL A 378 0.35 -7.21 -7.79
CA VAL A 378 -0.95 -7.64 -7.28
C VAL A 378 -1.89 -7.36 -8.44
N ALA A 379 -1.71 -6.16 -9.00
CA ALA A 379 -2.47 -5.69 -10.13
C ALA A 379 -2.38 -6.74 -11.24
N ALA A 380 -1.16 -7.09 -11.62
CA ALA A 380 -0.94 -8.09 -12.65
C ALA A 380 -1.67 -9.37 -12.27
N LEU A 381 -1.67 -9.66 -10.97
CA LEU A 381 -2.34 -10.84 -10.47
C LEU A 381 -3.84 -10.74 -10.76
N ASP A 382 -4.45 -9.66 -10.28
CA ASP A 382 -5.87 -9.41 -10.50
C ASP A 382 -6.22 -9.45 -11.97
N LYS A 383 -5.63 -8.53 -12.73
CA LYS A 383 -5.89 -8.45 -14.14
C LYS A 383 -5.92 -9.85 -14.73
N ALA A 384 -4.81 -10.57 -14.63
CA ALA A 384 -4.75 -11.90 -15.20
C ALA A 384 -5.82 -12.86 -14.70
N CYS A 385 -6.23 -12.77 -13.44
CA CYS A 385 -7.27 -13.67 -12.96
C CYS A 385 -8.58 -13.31 -13.63
N GLY A 386 -8.84 -12.00 -13.70
CA GLY A 386 -10.05 -11.54 -14.34
C GLY A 386 -9.94 -11.68 -15.85
N ARG A 387 -8.83 -12.28 -16.28
CA ARG A 387 -8.60 -12.48 -17.70
C ARG A 387 -8.62 -13.97 -18.02
N PHE A 388 -9.31 -14.75 -17.20
CA PHE A 388 -9.41 -16.19 -17.44
C PHE A 388 -10.64 -16.81 -16.77
N ILE A 389 -10.98 -16.31 -15.60
CA ILE A 389 -12.11 -16.82 -14.84
C ILE A 389 -13.34 -16.71 -15.72
N ASN A 390 -13.20 -15.94 -16.78
CA ASN A 390 -14.41 -15.69 -17.55
C ASN A 390 -14.35 -15.93 -19.10
N ASN A 391 -13.68 -16.94 -19.60
CA ASN A 391 -13.64 -17.06 -21.06
C ASN A 391 -13.08 -18.35 -21.49
N ASN A 392 -13.39 -19.29 -20.71
CA ASN A 392 -12.79 -20.55 -20.92
C ASN A 392 -13.68 -21.69 -21.46
N ALA A 393 -13.03 -22.88 -21.45
CA ALA A 393 -13.57 -24.16 -21.92
C ALA A 393 -14.81 -24.59 -21.15
N VAL A 394 -15.14 -23.95 -20.07
CA VAL A 394 -16.33 -24.29 -19.31
C VAL A 394 -17.52 -23.50 -19.88
N THR A 395 -17.15 -22.47 -20.59
CA THR A 395 -18.08 -21.48 -21.12
C THR A 395 -18.26 -21.54 -22.63
N LYS A 396 -17.26 -21.04 -23.35
CA LYS A 396 -17.23 -21.00 -24.81
C LYS A 396 -18.30 -21.83 -25.51
N MET B 1 -19.16 -25.13 -24.41
CA MET B 1 -20.04 -26.17 -24.99
C MET B 1 -21.29 -25.52 -25.63
N ALA B 2 -22.27 -25.23 -24.76
CA ALA B 2 -23.38 -24.40 -25.18
C ALA B 2 -22.59 -23.09 -25.21
N GLN B 3 -23.07 -22.03 -25.84
CA GLN B 3 -22.41 -20.75 -26.01
C GLN B 3 -22.35 -19.86 -24.75
N SER B 4 -21.60 -20.27 -23.73
CA SER B 4 -21.57 -19.51 -22.48
C SER B 4 -20.18 -19.09 -22.11
N SER B 5 -20.05 -17.82 -21.98
CA SER B 5 -18.84 -17.22 -21.65
C SER B 5 -18.99 -16.70 -20.25
N SER B 6 -20.15 -17.02 -19.70
CA SER B 6 -20.53 -16.61 -18.36
C SER B 6 -21.11 -17.80 -17.61
N LYS B 7 -20.66 -19.00 -17.98
CA LYS B 7 -21.10 -20.23 -17.35
C LYS B 7 -20.37 -20.37 -16.03
N SER B 8 -19.18 -19.77 -15.98
CA SER B 8 -18.31 -19.78 -14.81
C SER B 8 -19.00 -19.38 -13.52
N PRO B 9 -19.58 -18.16 -13.47
CA PRO B 9 -20.27 -17.69 -12.26
C PRO B 9 -21.38 -18.66 -11.85
N GLU B 10 -21.83 -19.47 -12.81
CA GLU B 10 -22.86 -20.45 -12.55
C GLU B 10 -22.21 -21.56 -11.76
N LEU B 11 -20.94 -21.81 -12.04
CA LEU B 11 -20.22 -22.84 -11.31
C LEU B 11 -19.95 -22.35 -9.90
N LEU B 12 -19.36 -21.15 -9.79
CA LEU B 12 -19.05 -20.55 -8.50
C LEU B 12 -20.33 -20.59 -7.67
N ALA B 13 -21.47 -20.60 -8.36
CA ALA B 13 -22.76 -20.67 -7.69
C ALA B 13 -22.96 -22.13 -7.29
N ARG B 14 -22.60 -23.03 -8.20
CA ARG B 14 -23.29 -24.42 -8.07
C ARG B 14 -22.38 -24.88 -6.94
N TYR B 15 -21.14 -24.39 -6.92
CA TYR B 15 -20.23 -24.81 -5.87
C TYR B 15 -20.93 -24.65 -4.52
N CYS B 16 -21.61 -23.52 -4.33
CA CYS B 16 -21.73 -23.10 -2.79
C CYS B 16 -22.83 -24.10 -2.42
N ASP B 17 -23.81 -24.27 -3.31
CA ASP B 17 -24.89 -25.20 -3.04
C ASP B 17 -24.30 -26.49 -2.48
N SER B 18 -23.23 -26.96 -3.12
CA SER B 18 -22.56 -28.18 -2.67
C SER B 18 -22.04 -28.01 -1.24
N LEU B 19 -21.46 -26.86 -0.98
CA LEU B 19 -20.84 -26.61 0.35
C LEU B 19 -21.80 -26.53 1.52
N LEU B 20 -22.98 -26.03 1.29
CA LEU B 20 -23.86 -25.95 2.43
C LEU B 20 -24.89 -27.03 2.45
N LYS B 21 -25.66 -27.10 1.40
CA LYS B 21 -26.62 -28.14 1.38
C LYS B 21 -26.30 -29.19 2.39
N LYS B 22 -27.35 -29.74 2.94
CA LYS B 22 -27.26 -30.83 3.86
C LYS B 22 -26.19 -31.78 3.35
N SER B 23 -25.07 -31.89 4.07
CA SER B 23 -23.99 -32.79 3.64
C SER B 23 -24.27 -34.19 4.15
N SER B 24 -23.72 -35.20 3.46
CA SER B 24 -23.89 -36.64 3.77
C SER B 24 -23.71 -36.91 5.26
N LYS B 25 -22.79 -36.17 5.79
CA LYS B 25 -22.71 -36.12 7.21
C LYS B 25 -22.79 -34.59 7.38
N ASN B 26 -21.85 -34.00 8.18
CA ASN B 26 -21.81 -32.55 8.39
C ASN B 26 -20.34 -32.03 8.12
N PRO B 27 -20.22 -30.67 8.02
CA PRO B 27 -18.99 -29.89 7.73
C PRO B 27 -18.26 -29.76 8.98
N GLU B 28 -16.99 -29.65 8.95
CA GLU B 28 -16.42 -29.05 10.15
C GLU B 28 -16.65 -27.54 10.09
N GLU B 29 -17.19 -26.98 11.17
CA GLU B 29 -17.48 -25.54 11.23
C GLU B 29 -16.48 -24.68 10.45
N ALA B 30 -15.30 -24.49 11.04
CA ALA B 30 -14.25 -23.67 10.43
C ALA B 30 -14.00 -24.02 8.97
N GLU B 31 -13.92 -25.32 8.69
CA GLU B 31 -13.70 -25.82 7.33
C GLU B 31 -14.59 -25.03 6.37
N LEU B 32 -15.90 -25.24 6.52
CA LEU B 32 -16.90 -24.60 5.68
C LEU B 32 -16.67 -23.09 5.66
N GLU B 33 -16.79 -22.48 6.81
CA GLU B 33 -16.61 -21.05 6.96
C GLU B 33 -15.40 -20.60 6.15
N ASP B 34 -14.09 -21.23 6.64
CA ASP B 34 -12.88 -20.89 5.89
C ASP B 34 -13.01 -21.10 4.39
N THR B 35 -13.68 -22.19 4.01
CA THR B 35 -13.88 -22.52 2.60
C THR B 35 -14.72 -21.47 1.85
N LEU B 36 -15.78 -20.97 2.49
CA LEU B 36 -16.65 -19.99 1.87
C LEU B 36 -15.90 -18.72 1.49
N ASN B 37 -14.96 -18.32 2.35
CA ASN B 37 -14.17 -17.13 2.05
C ASN B 37 -13.53 -17.30 0.68
N GLN B 38 -12.98 -18.49 0.44
CA GLN B 38 -12.35 -18.81 -0.84
C GLN B 38 -13.31 -18.47 -1.98
N VAL B 39 -14.48 -19.08 -1.97
CA VAL B 39 -15.45 -18.85 -3.03
C VAL B 39 -15.57 -17.37 -3.28
N MET B 40 -15.48 -16.58 -2.22
CA MET B 40 -15.57 -15.13 -2.36
C MET B 40 -14.34 -14.53 -3.01
N VAL B 41 -13.15 -14.98 -2.62
CA VAL B 41 -11.94 -14.45 -3.24
C VAL B 41 -12.16 -14.70 -4.72
N VAL B 42 -12.73 -15.86 -5.04
CA VAL B 42 -13.02 -16.19 -6.41
C VAL B 42 -13.97 -15.10 -6.89
N PHE B 43 -14.91 -14.74 -6.02
CA PHE B 43 -16.30 -14.26 -6.78
C PHE B 43 -15.93 -12.84 -7.21
N LYS B 44 -15.35 -12.09 -6.29
CA LYS B 44 -14.97 -10.69 -6.52
C LYS B 44 -14.07 -10.48 -7.74
N TYR B 45 -14.12 -11.44 -8.65
CA TYR B 45 -13.33 -11.43 -9.88
C TYR B 45 -14.31 -11.74 -11.00
N ILE B 46 -15.46 -12.33 -10.65
CA ILE B 46 -16.47 -12.68 -11.64
C ILE B 46 -16.83 -11.47 -12.51
N GLU B 47 -16.67 -11.64 -13.82
CA GLU B 47 -16.96 -10.59 -14.78
C GLU B 47 -18.43 -10.17 -14.66
N ASP B 48 -19.35 -11.07 -14.96
CA ASP B 48 -20.78 -10.76 -14.91
C ASP B 48 -21.38 -11.17 -13.58
N LYS B 49 -21.01 -10.47 -12.52
CA LYS B 49 -21.51 -10.80 -11.20
C LYS B 49 -23.03 -10.83 -11.11
N ASP B 50 -23.71 -10.71 -12.24
CA ASP B 50 -25.18 -10.71 -12.29
C ASP B 50 -25.81 -12.10 -12.39
N VAL B 51 -25.08 -13.07 -12.90
CA VAL B 51 -25.60 -14.42 -13.03
C VAL B 51 -25.49 -15.18 -11.72
N PHE B 52 -24.33 -15.10 -11.09
CA PHE B 52 -24.12 -15.75 -9.82
C PHE B 52 -25.23 -15.23 -8.92
N GLN B 53 -25.65 -14.00 -9.20
CA GLN B 53 -26.72 -13.33 -8.47
C GLN B 53 -27.97 -14.21 -8.40
N LYS B 54 -28.51 -14.56 -9.57
CA LYS B 54 -29.86 -15.16 -9.63
C LYS B 54 -29.72 -16.61 -9.16
N PHE B 55 -28.74 -17.33 -9.70
CA PHE B 55 -28.86 -18.85 -9.59
C PHE B 55 -28.76 -19.00 -8.08
N TYR B 56 -27.82 -18.26 -7.50
CA TYR B 56 -27.57 -18.34 -6.07
C TYR B 56 -28.80 -18.36 -5.20
N ALA B 57 -29.86 -17.71 -5.67
CA ALA B 57 -31.10 -17.65 -4.93
C ALA B 57 -31.91 -18.90 -5.23
N LYS B 58 -31.90 -19.32 -6.50
CA LYS B 58 -32.65 -20.51 -6.89
C LYS B 58 -32.09 -21.73 -6.17
N MET B 59 -30.84 -21.62 -5.71
CA MET B 59 -30.18 -22.68 -4.97
C MET B 59 -30.73 -22.62 -3.56
N LEU B 60 -30.66 -21.43 -2.98
CA LEU B 60 -31.13 -21.18 -1.62
C LEU B 60 -32.65 -21.29 -1.49
N ALA B 61 -33.35 -20.73 -2.46
CA ALA B 61 -34.81 -20.78 -2.44
C ALA B 61 -35.25 -22.24 -2.22
N LYS B 62 -34.50 -23.17 -2.81
CA LYS B 62 -34.79 -24.59 -2.68
C LYS B 62 -34.20 -25.21 -1.42
N ARG B 63 -32.93 -24.90 -1.13
CA ARG B 63 -32.27 -25.44 0.06
C ARG B 63 -33.09 -25.18 1.31
N LEU B 64 -33.82 -24.07 1.31
CA LEU B 64 -34.64 -23.71 2.46
C LEU B 64 -35.93 -24.50 2.46
N VAL B 65 -36.70 -24.36 1.39
CA VAL B 65 -37.98 -25.07 1.27
C VAL B 65 -37.89 -26.51 1.77
N HIS B 66 -37.06 -27.24 1.10
CA HIS B 66 -36.78 -28.47 1.68
C HIS B 66 -35.84 -27.74 2.65
N GLN B 67 -35.31 -28.37 3.62
CA GLN B 67 -34.40 -27.68 4.48
C GLN B 67 -33.06 -28.37 4.33
N ASN B 68 -32.74 -28.66 3.08
CA ASN B 68 -31.51 -29.40 2.83
C ASN B 68 -30.23 -28.54 2.67
N SER B 69 -29.93 -27.79 3.71
CA SER B 69 -28.71 -26.99 3.85
C SER B 69 -28.29 -27.02 5.30
N ALA B 70 -27.74 -28.13 5.71
CA ALA B 70 -27.33 -28.28 7.08
C ALA B 70 -26.36 -27.19 7.52
N SER B 71 -26.25 -26.99 8.83
CA SER B 71 -25.41 -25.94 9.38
C SER B 71 -25.95 -24.59 8.92
N ASP B 72 -27.21 -24.34 9.22
CA ASP B 72 -27.87 -23.08 8.84
C ASP B 72 -27.05 -21.89 9.31
N ASP B 73 -26.45 -22.02 10.49
CA ASP B 73 -25.65 -20.93 11.03
C ASP B 73 -24.57 -20.60 10.01
N ALA B 74 -24.04 -21.64 9.35
CA ALA B 74 -23.00 -21.44 8.34
C ALA B 74 -23.52 -20.48 7.28
N GLU B 75 -24.53 -20.93 6.55
CA GLU B 75 -25.15 -20.13 5.49
C GLU B 75 -25.48 -18.76 6.06
N ALA B 76 -25.88 -18.73 7.33
CA ALA B 76 -26.22 -17.47 7.97
C ALA B 76 -25.01 -16.53 7.85
N SER B 77 -23.87 -17.12 7.53
CA SER B 77 -22.64 -16.36 7.37
C SER B 77 -22.36 -16.00 5.91
N MET B 78 -22.52 -16.97 5.01
CA MET B 78 -22.28 -16.74 3.58
C MET B 78 -23.16 -15.60 3.08
N ILE B 79 -24.36 -15.50 3.66
CA ILE B 79 -24.82 -13.91 3.66
C ILE B 79 -23.91 -12.70 3.87
N SER B 80 -23.30 -12.65 5.05
CA SER B 80 -22.40 -11.58 5.46
C SER B 80 -21.43 -11.17 4.37
N LYS B 81 -20.73 -12.16 3.82
CA LYS B 81 -19.73 -11.92 2.77
C LYS B 81 -20.34 -11.28 1.52
N LEU B 82 -21.45 -11.83 1.05
CA LEU B 82 -22.11 -11.31 -0.14
C LEU B 82 -22.62 -9.89 0.10
N LYS B 83 -22.79 -9.51 1.36
CA LYS B 83 -23.27 -8.17 1.68
C LYS B 83 -22.20 -7.17 1.28
N GLN B 84 -21.06 -7.29 1.89
CA GLN B 84 -19.99 -6.43 1.54
C GLN B 84 -19.76 -6.36 -0.01
N ALA B 85 -19.59 -5.10 -0.45
CA ALA B 85 -19.10 -4.56 -1.80
C ALA B 85 -19.57 -4.94 -3.19
N CYS B 86 -20.65 -5.66 -3.32
CA CYS B 86 -21.19 -5.97 -4.62
C CYS B 86 -22.66 -5.58 -4.49
N GLY B 87 -22.96 -4.30 -4.71
CA GLY B 87 -24.31 -3.86 -4.43
C GLY B 87 -24.82 -4.27 -3.06
N PHE B 88 -26.13 -4.16 -2.88
CA PHE B 88 -26.79 -4.49 -1.63
C PHE B 88 -28.07 -5.27 -1.95
N GLU B 89 -28.18 -5.70 -3.21
CA GLU B 89 -29.35 -6.45 -3.67
C GLU B 89 -29.46 -7.79 -2.94
N TYR B 90 -28.32 -8.43 -2.71
CA TYR B 90 -28.29 -9.72 -2.03
C TYR B 90 -28.80 -9.60 -0.61
N THR B 91 -28.59 -8.42 0.02
CA THR B 91 -29.02 -8.23 1.38
C THR B 91 -30.55 -8.13 1.59
N SER B 92 -31.21 -7.92 0.54
CA SER B 92 -32.64 -7.76 0.62
C SER B 92 -33.28 -9.12 0.60
N LYS B 93 -33.12 -9.71 -0.52
CA LYS B 93 -33.70 -10.98 -0.73
C LYS B 93 -33.12 -12.09 0.06
N LEU B 94 -31.93 -12.40 -0.26
CA LEU B 94 -31.47 -13.67 0.28
C LEU B 94 -31.98 -14.03 1.68
N GLN B 95 -31.41 -13.44 2.70
CA GLN B 95 -31.82 -13.69 4.07
C GLN B 95 -33.34 -13.79 4.34
N ARG B 96 -34.16 -13.03 3.63
CA ARG B 96 -35.57 -13.11 3.87
C ARG B 96 -35.95 -14.58 3.79
N MET B 97 -35.71 -15.18 2.62
CA MET B 97 -36.03 -16.58 2.43
C MET B 97 -35.48 -17.41 3.58
N PHE B 98 -34.46 -16.89 4.24
CA PHE B 98 -33.84 -17.60 5.37
C PHE B 98 -34.43 -17.21 6.73
N GLN B 99 -35.13 -16.07 6.78
CA GLN B 99 -35.74 -15.62 8.03
C GLN B 99 -37.24 -15.89 7.93
N ASP B 100 -37.74 -15.85 6.69
CA ASP B 100 -39.14 -16.11 6.42
C ASP B 100 -39.35 -17.58 6.76
N ILE B 101 -38.34 -18.38 6.46
CA ILE B 101 -38.37 -19.80 6.73
C ILE B 101 -38.26 -20.02 8.24
N GLY B 102 -38.00 -18.93 8.96
CA GLY B 102 -37.87 -19.00 10.41
C GLY B 102 -39.19 -18.77 11.11
N VAL B 103 -39.89 -17.71 10.72
CA VAL B 103 -41.18 -17.38 11.31
C VAL B 103 -42.06 -18.62 11.17
N SER B 104 -41.97 -19.24 10.00
CA SER B 104 -42.73 -20.44 9.70
C SER B 104 -42.41 -21.53 10.71
N LYS B 105 -41.16 -21.57 11.17
CA LYS B 105 -40.74 -22.56 12.15
C LYS B 105 -41.46 -22.23 13.45
N ASP B 106 -41.74 -20.94 13.63
CA ASP B 106 -42.45 -20.46 14.80
C ASP B 106 -43.94 -20.67 14.51
N LEU B 107 -44.28 -20.68 13.23
CA LEU B 107 -45.65 -20.89 12.81
C LEU B 107 -46.02 -22.30 13.19
N ASN B 108 -45.06 -23.22 13.03
CA ASN B 108 -45.28 -24.61 13.38
C ASN B 108 -45.67 -24.65 14.84
N GLU B 109 -44.94 -23.94 15.67
CA GLU B 109 -45.26 -23.86 17.09
C GLU B 109 -46.59 -23.15 17.22
N GLN B 110 -47.00 -22.52 16.16
CA GLN B 110 -48.32 -21.93 16.25
C GLN B 110 -49.35 -23.03 16.10
N PHE B 111 -48.94 -24.06 15.40
CA PHE B 111 -49.79 -25.16 15.36
C PHE B 111 -49.59 -26.25 16.34
N LYS B 112 -48.53 -26.19 17.03
CA LYS B 112 -48.50 -27.29 17.93
C LYS B 112 -49.01 -26.93 19.32
N LYS B 113 -48.81 -25.67 19.74
CA LYS B 113 -48.75 -25.57 21.33
C LYS B 113 -50.26 -25.41 21.34
N HIS B 114 -50.74 -24.62 20.39
CA HIS B 114 -52.16 -24.35 20.23
C HIS B 114 -52.87 -25.66 19.90
N LEU B 115 -52.29 -26.43 18.98
CA LEU B 115 -52.86 -27.71 18.56
C LEU B 115 -53.38 -28.48 19.77
N THR B 116 -52.55 -28.59 20.80
CA THR B 116 -52.93 -29.30 22.02
C THR B 116 -54.30 -28.80 22.45
N ASN B 117 -54.52 -27.46 22.35
CA ASN B 117 -55.78 -26.88 22.81
C ASN B 117 -56.92 -27.88 22.78
N SER B 118 -57.56 -27.94 21.67
CA SER B 118 -58.68 -28.76 21.36
C SER B 118 -58.58 -28.68 19.89
N GLU B 119 -57.74 -29.51 19.33
CA GLU B 119 -57.48 -29.46 17.89
C GLU B 119 -57.10 -30.82 17.33
N PRO B 120 -58.10 -31.68 17.08
CA PRO B 120 -57.86 -33.02 16.55
C PRO B 120 -57.28 -32.99 15.13
N LEU B 121 -56.39 -33.93 14.84
CA LEU B 121 -55.75 -34.03 13.53
C LEU B 121 -54.72 -35.15 13.48
N ASP B 122 -55.01 -36.17 12.67
CA ASP B 122 -54.09 -37.29 12.50
C ASP B 122 -53.21 -37.03 11.30
N LEU B 123 -52.08 -36.38 11.54
CA LEU B 123 -51.13 -36.07 10.48
C LEU B 123 -49.91 -35.42 11.11
N ASP B 124 -48.80 -35.41 10.37
CA ASP B 124 -47.56 -34.81 10.85
C ASP B 124 -47.27 -33.56 10.03
N PHE B 125 -48.36 -32.91 9.62
CA PHE B 125 -48.32 -31.68 8.84
C PHE B 125 -47.31 -30.68 9.40
N SER B 126 -46.90 -29.73 8.56
CA SER B 126 -45.96 -28.69 8.97
C SER B 126 -45.51 -27.90 7.73
N ILE B 127 -46.22 -26.82 7.43
CA ILE B 127 -46.12 -26.25 6.03
C ILE B 127 -45.13 -25.10 6.27
N GLN B 128 -44.59 -24.55 5.19
CA GLN B 128 -43.65 -23.44 5.26
C GLN B 128 -44.09 -22.27 4.38
N VAL B 129 -44.87 -21.35 4.96
CA VAL B 129 -45.36 -20.19 4.23
C VAL B 129 -44.20 -19.39 3.68
N LEU B 130 -44.03 -19.41 2.36
CA LEU B 130 -42.92 -18.69 1.75
C LEU B 130 -43.26 -17.24 1.38
N SER B 131 -42.23 -16.50 0.98
CA SER B 131 -42.36 -15.11 0.58
C SER B 131 -42.52 -15.02 -0.93
N SER B 132 -43.75 -15.24 -1.42
CA SER B 132 -44.04 -15.20 -2.86
C SER B 132 -43.16 -14.23 -3.64
N GLY B 133 -42.98 -13.03 -3.09
CA GLY B 133 -42.15 -12.04 -3.74
C GLY B 133 -40.70 -12.30 -3.46
N SER B 134 -40.31 -13.57 -3.59
CA SER B 134 -38.93 -13.99 -3.32
C SER B 134 -38.64 -15.33 -3.99
N TRP B 135 -39.33 -16.37 -3.53
CA TRP B 135 -39.01 -17.75 -3.93
C TRP B 135 -39.57 -17.86 -5.35
N PRO B 136 -38.69 -17.90 -6.36
CA PRO B 136 -39.04 -17.99 -7.79
C PRO B 136 -39.91 -19.18 -8.19
N PHE B 137 -40.43 -19.91 -7.22
CA PHE B 137 -41.28 -21.06 -7.49
C PHE B 137 -42.54 -20.71 -8.27
N GLN B 138 -42.64 -21.21 -9.50
CA GLN B 138 -43.79 -20.95 -10.36
C GLN B 138 -44.99 -21.89 -10.05
N GLN B 139 -46.22 -21.41 -10.33
CA GLN B 139 -47.47 -22.16 -10.15
C GLN B 139 -48.15 -22.26 -11.49
N SER B 140 -48.71 -23.39 -11.83
CA SER B 140 -49.33 -23.41 -13.17
C SER B 140 -50.65 -24.08 -13.24
N CYS B 141 -50.63 -25.36 -13.28
CA CYS B 141 -51.93 -25.99 -13.21
C CYS B 141 -52.16 -26.30 -11.77
N THR B 142 -53.41 -26.41 -11.49
CA THR B 142 -53.95 -26.66 -10.18
C THR B 142 -54.02 -28.16 -9.90
N PHE B 143 -53.37 -28.57 -8.84
CA PHE B 143 -53.47 -29.97 -8.45
C PHE B 143 -54.40 -30.07 -7.22
N ALA B 144 -55.36 -31.01 -7.22
CA ALA B 144 -56.22 -31.21 -6.05
C ALA B 144 -55.84 -32.54 -5.35
N LEU B 145 -55.47 -32.52 -4.09
CA LEU B 145 -55.05 -33.77 -3.43
C LEU B 145 -56.05 -34.31 -2.44
N PRO B 146 -56.54 -35.44 -2.90
CA PRO B 146 -57.36 -36.35 -2.05
C PRO B 146 -56.73 -36.89 -0.71
N SER B 147 -57.45 -37.86 -0.14
CA SER B 147 -57.20 -38.62 1.12
C SER B 147 -56.15 -38.09 2.09
N GLU B 148 -56.66 -37.56 3.22
CA GLU B 148 -55.84 -37.13 4.35
C GLU B 148 -55.11 -35.81 4.22
N LEU B 149 -55.61 -34.96 3.35
CA LEU B 149 -55.01 -33.65 3.17
C LEU B 149 -56.12 -32.60 3.27
N GLU B 150 -57.27 -32.96 2.74
CA GLU B 150 -58.44 -32.09 2.77
C GLU B 150 -58.95 -32.06 4.21
N ARG B 151 -58.20 -32.72 5.09
CA ARG B 151 -58.51 -32.79 6.51
C ARG B 151 -57.64 -31.75 7.21
N SER B 152 -56.61 -31.30 6.50
CA SER B 152 -55.67 -30.31 7.01
C SER B 152 -55.73 -29.06 6.16
N TYR B 153 -55.74 -29.24 4.84
CA TYR B 153 -55.80 -28.14 3.89
C TYR B 153 -56.81 -27.08 4.30
N GLN B 154 -58.08 -27.49 4.36
CA GLN B 154 -59.17 -26.60 4.74
C GLN B 154 -59.04 -26.28 6.24
N ARG B 155 -58.49 -27.23 6.99
CA ARG B 155 -58.32 -27.06 8.42
C ARG B 155 -57.52 -25.81 8.72
N PHE B 156 -56.43 -25.74 8.00
CA PHE B 156 -55.57 -24.59 8.01
C PHE B 156 -56.26 -23.52 7.24
N THR B 157 -56.30 -23.70 5.91
CA THR B 157 -56.82 -22.58 5.09
C THR B 157 -57.73 -21.78 5.99
N ALA B 158 -58.59 -22.56 6.64
CA ALA B 158 -59.56 -22.03 7.60
C ALA B 158 -58.82 -21.33 8.76
N PHE B 159 -57.78 -21.98 9.25
CA PHE B 159 -57.00 -21.42 10.34
C PHE B 159 -56.39 -20.05 9.97
N TYR B 160 -55.85 -19.98 8.78
CA TYR B 160 -55.20 -18.77 8.28
C TYR B 160 -56.16 -17.59 8.16
N ALA B 161 -57.43 -17.92 7.89
CA ALA B 161 -58.52 -16.94 7.73
C ALA B 161 -58.63 -16.04 8.97
N SER B 162 -58.16 -16.67 10.03
CA SER B 162 -57.99 -16.20 11.38
C SER B 162 -57.10 -15.01 11.51
N ARG B 163 -56.12 -14.81 10.59
CA ARG B 163 -55.05 -13.78 10.74
C ARG B 163 -54.84 -12.74 9.67
N HIS B 164 -55.72 -12.67 8.77
CA HIS B 164 -55.52 -11.79 7.67
C HIS B 164 -56.81 -11.76 6.87
N SER B 165 -57.73 -10.92 7.29
CA SER B 165 -59.06 -10.79 6.69
C SER B 165 -59.10 -10.72 5.18
N GLY B 166 -58.01 -10.35 4.47
CA GLY B 166 -58.05 -10.30 3.01
C GLY B 166 -56.86 -11.06 2.43
N ARG B 167 -56.39 -12.03 3.16
CA ARG B 167 -55.21 -12.73 2.72
C ARG B 167 -55.56 -13.89 1.79
N LYS B 168 -54.76 -14.14 0.74
CA LYS B 168 -54.99 -15.23 -0.24
C LYS B 168 -53.80 -16.24 -0.22
N LEU B 169 -53.91 -17.43 -0.80
CA LEU B 169 -52.91 -18.45 -0.58
C LEU B 169 -52.86 -19.36 -1.71
N THR B 170 -51.77 -19.92 -1.76
CA THR B 170 -51.45 -20.66 -2.83
C THR B 170 -50.40 -21.52 -2.38
N TRP B 171 -50.82 -22.73 -2.39
CA TRP B 171 -50.01 -23.80 -1.97
C TRP B 171 -49.09 -24.26 -3.07
N LEU B 172 -47.83 -24.49 -2.76
CA LEU B 172 -46.92 -24.96 -3.80
C LEU B 172 -47.03 -26.47 -3.95
N TYR B 173 -47.31 -26.93 -5.17
CA TYR B 173 -47.43 -28.36 -5.42
C TYR B 173 -46.26 -28.90 -6.23
N GLN B 174 -45.62 -28.03 -6.97
CA GLN B 174 -44.45 -28.49 -7.69
C GLN B 174 -43.36 -28.74 -6.64
N LEU B 175 -43.67 -28.68 -5.31
CA LEU B 175 -42.57 -28.63 -4.31
C LEU B 175 -42.68 -29.18 -2.89
N SER B 176 -43.79 -29.76 -2.50
CA SER B 176 -43.89 -30.26 -1.15
C SER B 176 -43.76 -31.75 -1.20
N LYS B 177 -43.29 -32.40 -0.14
CA LYS B 177 -43.17 -33.85 -0.17
C LYS B 177 -43.87 -34.56 0.98
N GLY B 178 -43.78 -35.89 0.97
CA GLY B 178 -44.41 -36.70 2.00
C GLY B 178 -43.98 -38.15 1.89
N GLU B 179 -43.89 -38.84 3.03
CA GLU B 179 -43.50 -40.25 3.05
C GLU B 179 -44.72 -41.15 2.97
N LEU B 180 -44.54 -42.38 2.46
CA LEU B 180 -45.65 -43.32 2.35
C LEU B 180 -45.36 -44.62 3.09
N VAL B 181 -46.26 -45.60 2.94
CA VAL B 181 -46.08 -46.88 3.62
C VAL B 181 -46.52 -48.03 2.71
N THR B 182 -45.92 -49.19 2.87
CA THR B 182 -46.24 -50.31 1.97
C THR B 182 -46.78 -51.60 2.63
N ASN B 183 -47.92 -51.48 3.31
CA ASN B 183 -48.55 -52.65 3.88
C ASN B 183 -49.26 -53.34 2.72
N CYS B 184 -48.49 -54.01 1.83
CA CYS B 184 -49.04 -54.74 0.68
C CYS B 184 -47.96 -55.43 -0.17
N PHE B 185 -46.73 -54.98 0.01
CA PHE B 185 -45.62 -55.59 -0.74
C PHE B 185 -45.00 -56.66 0.14
N LYS B 186 -44.07 -57.43 -0.41
CA LYS B 186 -43.41 -58.50 0.35
C LYS B 186 -42.73 -57.99 1.62
N ASN B 187 -42.49 -56.68 1.70
CA ASN B 187 -41.85 -56.08 2.87
C ASN B 187 -42.38 -54.68 3.12
N ARG B 188 -42.00 -54.09 4.25
CA ARG B 188 -42.46 -52.76 4.60
C ARG B 188 -41.56 -51.68 4.03
N TYR B 189 -42.17 -50.68 3.39
CA TYR B 189 -41.43 -49.58 2.81
C TYR B 189 -42.04 -48.23 3.18
N THR B 190 -41.19 -47.23 3.38
CA THR B 190 -41.57 -45.88 3.69
C THR B 190 -41.39 -45.03 2.45
N LEU B 191 -42.21 -45.28 1.42
CA LEU B 191 -42.12 -44.55 0.18
C LEU B 191 -42.14 -43.03 0.41
N GLN B 192 -40.94 -42.42 0.55
CA GLN B 192 -40.87 -40.95 0.66
C GLN B 192 -41.04 -40.48 -0.78
N ALA B 193 -41.83 -39.43 -1.00
CA ALA B 193 -42.02 -38.93 -2.37
C ALA B 193 -42.53 -37.49 -2.44
N SER B 194 -43.00 -37.11 -3.62
CA SER B 194 -43.52 -35.76 -3.86
C SER B 194 -45.03 -35.77 -3.78
N THR B 195 -45.63 -34.60 -3.90
CA THR B 195 -47.07 -34.48 -3.87
C THR B 195 -47.58 -35.14 -5.16
N PHE B 196 -46.99 -34.74 -6.28
CA PHE B 196 -47.35 -35.27 -7.58
C PHE B 196 -47.15 -36.78 -7.61
N GLN B 197 -46.20 -37.27 -6.82
CA GLN B 197 -45.94 -38.70 -6.76
C GLN B 197 -46.97 -39.34 -5.83
N MET B 198 -47.10 -38.78 -4.63
CA MET B 198 -48.06 -39.27 -3.64
C MET B 198 -49.36 -39.58 -4.37
N ALA B 199 -49.73 -38.69 -5.26
CA ALA B 199 -50.95 -38.82 -6.06
C ALA B 199 -51.09 -40.20 -6.71
N ILE B 200 -50.23 -40.50 -7.68
CA ILE B 200 -50.59 -41.63 -8.64
C ILE B 200 -50.17 -42.86 -7.84
N LEU B 201 -49.30 -42.67 -6.85
CA LEU B 201 -48.86 -43.80 -6.02
C LEU B 201 -49.95 -44.20 -5.02
N LEU B 202 -51.02 -43.40 -4.99
CA LEU B 202 -52.15 -43.65 -4.10
C LEU B 202 -53.34 -44.21 -4.87
N GLN B 203 -53.31 -44.06 -6.19
CA GLN B 203 -54.41 -44.55 -7.02
C GLN B 203 -54.40 -46.06 -7.15
N TYR B 204 -53.76 -46.73 -6.20
CA TYR B 204 -53.66 -48.21 -6.19
C TYR B 204 -54.35 -48.75 -4.94
N ASN B 205 -55.12 -47.87 -4.29
CA ASN B 205 -55.89 -48.26 -3.08
C ASN B 205 -57.31 -48.54 -3.51
N THR B 206 -57.63 -47.89 -4.62
CA THR B 206 -58.91 -48.04 -5.25
C THR B 206 -58.72 -49.19 -6.28
N GLU B 207 -59.37 -49.16 -7.46
CA GLU B 207 -59.25 -50.18 -8.50
C GLU B 207 -57.82 -50.27 -9.13
N ASP B 208 -57.25 -51.47 -9.03
CA ASP B 208 -55.89 -51.81 -9.43
C ASP B 208 -55.18 -50.86 -10.46
N ALA B 209 -54.79 -51.19 -11.71
CA ALA B 209 -54.06 -50.22 -12.61
C ALA B 209 -54.97 -49.46 -13.55
N TYR B 210 -54.65 -48.18 -13.73
CA TYR B 210 -55.42 -47.35 -14.65
C TYR B 210 -54.56 -46.80 -15.77
N THR B 211 -55.13 -46.04 -16.67
CA THR B 211 -54.34 -45.59 -17.77
C THR B 211 -54.07 -44.10 -17.68
N VAL B 212 -53.03 -43.61 -18.33
CA VAL B 212 -52.69 -42.19 -18.36
C VAL B 212 -53.87 -41.28 -18.01
N GLN B 213 -54.73 -41.02 -19.00
CA GLN B 213 -55.88 -40.15 -18.79
C GLN B 213 -56.73 -40.62 -17.62
N GLN B 214 -57.07 -41.90 -17.61
CA GLN B 214 -57.89 -42.43 -16.53
C GLN B 214 -57.14 -42.21 -15.22
N LEU B 215 -55.84 -41.97 -15.35
CA LEU B 215 -55.04 -41.73 -14.21
C LEU B 215 -54.68 -40.24 -14.12
N THR B 216 -54.95 -39.51 -15.21
CA THR B 216 -54.60 -38.07 -15.35
C THR B 216 -55.68 -37.18 -14.76
N ASP B 217 -56.94 -37.44 -15.15
CA ASP B 217 -58.07 -36.67 -14.66
C ASP B 217 -58.14 -36.80 -13.14
N SER B 218 -57.82 -38.00 -12.66
CA SER B 218 -57.85 -38.31 -11.24
C SER B 218 -57.26 -37.21 -10.36
N THR B 219 -56.11 -36.68 -10.79
CA THR B 219 -55.43 -35.61 -10.05
C THR B 219 -55.63 -34.30 -10.77
N GLN B 220 -55.80 -34.39 -12.09
CA GLN B 220 -55.98 -33.23 -12.94
C GLN B 220 -54.86 -32.24 -12.66
N ILE B 221 -53.62 -32.68 -12.91
CA ILE B 221 -52.46 -31.84 -12.70
C ILE B 221 -52.15 -31.14 -14.02
N LYS B 222 -51.58 -31.90 -14.95
CA LYS B 222 -51.22 -31.36 -16.27
C LYS B 222 -50.61 -32.46 -17.10
N MET B 223 -51.29 -32.76 -18.15
CA MET B 223 -50.87 -33.87 -18.94
C MET B 223 -49.52 -33.81 -19.55
N ASP B 224 -48.92 -32.78 -19.93
CA ASP B 224 -47.77 -33.29 -20.66
C ASP B 224 -46.68 -33.65 -19.72
N ILE B 225 -46.57 -32.68 -18.83
CA ILE B 225 -45.68 -32.69 -17.75
C ILE B 225 -45.98 -33.88 -16.86
N LEU B 226 -47.20 -34.41 -16.97
CA LEU B 226 -47.56 -35.56 -16.17
C LEU B 226 -46.57 -36.69 -16.34
N ALA B 227 -46.12 -36.86 -17.58
CA ALA B 227 -45.65 -38.34 -17.91
C ALA B 227 -44.31 -38.21 -17.19
N GLN B 228 -43.81 -36.98 -17.07
CA GLN B 228 -42.55 -36.74 -16.40
C GLN B 228 -42.50 -37.50 -15.08
N VAL B 229 -43.41 -37.16 -14.17
CA VAL B 229 -43.49 -37.82 -12.87
C VAL B 229 -43.74 -39.32 -13.02
N LEU B 230 -44.79 -39.64 -13.77
CA LEU B 230 -45.18 -41.02 -14.02
C LEU B 230 -43.96 -41.87 -14.39
N GLN B 231 -43.27 -41.49 -15.47
CA GLN B 231 -42.10 -42.22 -15.94
C GLN B 231 -41.13 -42.55 -14.81
N ILE B 232 -40.98 -41.64 -13.85
CA ILE B 232 -40.07 -41.89 -12.71
C ILE B 232 -40.58 -43.07 -11.89
N LEU B 233 -41.81 -42.97 -11.40
CA LEU B 233 -42.40 -44.03 -10.60
C LEU B 233 -42.17 -45.34 -11.34
N LEU B 234 -42.29 -45.27 -12.66
CA LEU B 234 -42.13 -46.43 -13.52
C LEU B 234 -40.72 -47.02 -13.37
N LYS B 235 -39.70 -46.13 -13.26
CA LYS B 235 -38.30 -46.57 -13.15
C LYS B 235 -38.05 -47.13 -11.79
N SER B 236 -38.68 -46.47 -10.81
CA SER B 236 -38.74 -47.16 -9.58
C SER B 236 -39.52 -48.34 -10.20
N LYS B 237 -39.58 -49.51 -9.59
CA LYS B 237 -40.30 -50.64 -10.16
C LYS B 237 -41.60 -50.86 -9.42
N LEU B 238 -42.32 -49.77 -9.16
CA LEU B 238 -43.59 -49.84 -8.44
C LEU B 238 -44.70 -49.93 -9.47
N LEU B 239 -44.64 -49.06 -10.47
CA LEU B 239 -45.64 -49.04 -11.54
C LEU B 239 -44.98 -49.46 -12.85
N VAL B 240 -45.20 -50.71 -13.25
CA VAL B 240 -44.62 -51.24 -14.48
C VAL B 240 -45.63 -51.29 -15.63
N LEU B 241 -45.12 -51.27 -16.85
CA LEU B 241 -45.98 -51.32 -18.03
C LEU B 241 -46.50 -52.73 -18.24
N GLU B 242 -47.20 -52.94 -19.36
CA GLU B 242 -47.77 -54.23 -19.69
C GLU B 242 -46.75 -55.18 -20.29
N ASP B 243 -45.75 -54.62 -20.99
CA ASP B 243 -44.70 -55.42 -21.62
C ASP B 243 -43.39 -55.28 -20.86
N GLU B 244 -42.76 -56.41 -20.56
CA GLU B 244 -41.49 -56.41 -19.85
C GLU B 244 -40.52 -55.51 -20.60
N ASN B 245 -40.08 -55.98 -21.76
CA ASN B 245 -39.15 -55.23 -22.60
C ASN B 245 -39.62 -53.81 -22.81
N ALA B 246 -38.77 -52.86 -22.42
CA ALA B 246 -39.10 -51.44 -22.56
C ALA B 246 -38.02 -50.58 -21.92
N ASN B 247 -37.65 -49.52 -22.61
CA ASN B 247 -36.67 -48.58 -22.08
C ASN B 247 -37.46 -47.41 -21.51
N VAL B 248 -38.12 -47.69 -20.39
CA VAL B 248 -38.94 -46.72 -19.68
C VAL B 248 -38.37 -45.30 -19.71
N ASP B 249 -37.10 -45.15 -19.92
CA ASP B 249 -36.45 -43.89 -19.90
C ASP B 249 -36.77 -43.06 -21.12
N GLU B 250 -36.55 -43.74 -22.16
CA GLU B 250 -36.64 -43.12 -23.48
C GLU B 250 -38.01 -43.36 -24.10
N VAL B 251 -38.48 -44.59 -23.91
CA VAL B 251 -39.82 -44.66 -24.49
C VAL B 251 -40.46 -43.27 -24.53
N GLU B 252 -41.28 -43.00 -25.39
CA GLU B 252 -42.06 -41.82 -25.09
C GLU B 252 -43.27 -42.17 -24.23
N LEU B 253 -44.40 -41.66 -24.35
CA LEU B 253 -45.52 -42.09 -23.52
C LEU B 253 -46.87 -41.72 -24.15
N LYS B 254 -47.80 -42.64 -24.14
CA LYS B 254 -49.10 -42.37 -24.74
C LYS B 254 -50.22 -42.68 -23.75
N PRO B 255 -51.40 -42.11 -24.12
CA PRO B 255 -52.71 -42.17 -23.36
C PRO B 255 -53.46 -43.47 -23.37
N ASP B 256 -52.92 -44.45 -24.17
CA ASP B 256 -53.56 -45.70 -24.40
C ASP B 256 -52.76 -46.86 -23.86
N THR B 257 -51.71 -46.63 -23.09
CA THR B 257 -50.90 -47.70 -22.52
C THR B 257 -51.11 -47.76 -21.01
N LEU B 258 -51.12 -48.98 -20.46
CA LEU B 258 -51.36 -49.19 -19.05
C LEU B 258 -50.15 -49.00 -18.12
N ILE B 259 -50.44 -48.51 -16.93
CA ILE B 259 -49.44 -48.30 -15.89
C ILE B 259 -50.11 -48.83 -14.62
N LYS B 260 -49.67 -49.99 -14.16
CA LYS B 260 -50.26 -50.59 -12.96
C LYS B 260 -49.28 -50.60 -11.79
N LEU B 261 -49.52 -51.50 -10.84
CA LEU B 261 -48.67 -51.64 -9.66
C LEU B 261 -47.91 -52.96 -9.74
N TYR B 262 -46.63 -52.96 -9.36
CA TYR B 262 -45.86 -54.18 -9.41
C TYR B 262 -46.07 -54.93 -8.12
N LEU B 263 -47.18 -55.66 -8.06
CA LEU B 263 -47.53 -56.45 -6.89
C LEU B 263 -46.25 -57.08 -6.35
N GLY B 264 -45.66 -56.46 -5.33
CA GLY B 264 -44.44 -56.98 -4.76
C GLY B 264 -43.38 -55.92 -4.55
N TYR B 265 -42.59 -55.65 -5.59
CA TYR B 265 -41.54 -54.65 -5.54
C TYR B 265 -40.44 -54.90 -4.49
N LYS B 266 -39.39 -55.62 -4.87
CA LYS B 266 -38.30 -55.88 -3.95
C LYS B 266 -37.62 -54.54 -3.80
N ASN B 267 -36.54 -54.49 -3.03
CA ASN B 267 -35.76 -53.27 -2.87
C ASN B 267 -34.60 -53.36 -1.90
N LYS B 268 -33.50 -52.75 -2.31
CA LYS B 268 -32.27 -52.69 -1.56
C LYS B 268 -32.47 -52.46 -0.06
N LYS B 269 -33.09 -51.35 0.28
CA LYS B 269 -33.33 -51.03 1.69
C LYS B 269 -34.50 -50.08 1.86
N LEU B 270 -35.13 -50.13 3.03
CA LEU B 270 -36.30 -49.31 3.34
C LEU B 270 -36.20 -47.79 3.18
N ARG B 271 -37.28 -47.12 3.55
CA ARG B 271 -37.37 -45.67 3.44
C ARG B 271 -36.76 -45.20 2.13
N VAL B 272 -37.24 -45.76 1.02
CA VAL B 272 -36.73 -45.36 -0.28
C VAL B 272 -37.24 -43.98 -0.68
N ASN B 273 -36.30 -43.09 -0.99
CA ASN B 273 -36.60 -41.74 -1.44
C ASN B 273 -36.75 -41.84 -2.95
N ILE B 274 -37.48 -40.92 -3.43
CA ILE B 274 -37.66 -40.86 -4.79
C ILE B 274 -38.08 -39.46 -5.06
N ASN B 275 -37.18 -38.54 -5.07
CA ASN B 275 -37.76 -37.30 -5.47
C ASN B 275 -36.86 -36.60 -6.53
N VAL B 276 -35.95 -37.36 -7.28
CA VAL B 276 -34.93 -36.88 -8.32
C VAL B 276 -35.72 -36.59 -9.62
N PRO B 277 -35.69 -35.34 -10.08
CA PRO B 277 -36.69 -34.86 -11.05
C PRO B 277 -36.92 -35.81 -12.18
N MET B 278 -38.02 -35.79 -12.78
CA MET B 278 -37.92 -36.48 -13.98
C MET B 278 -36.47 -36.03 -14.38
N LYS B 279 -36.02 -36.01 -15.64
CA LYS B 279 -34.62 -35.63 -15.95
C LYS B 279 -34.56 -34.34 -16.68
N THR B 280 -35.66 -34.14 -17.32
CA THR B 280 -35.89 -32.97 -18.15
C THR B 280 -35.80 -31.64 -17.40
N GLU B 281 -36.52 -31.53 -16.27
CA GLU B 281 -36.49 -30.28 -15.51
C GLU B 281 -35.13 -29.99 -14.90
N GLN B 282 -34.22 -30.96 -14.97
CA GLN B 282 -32.87 -30.75 -14.46
C GLN B 282 -32.27 -29.81 -15.51
N LYS B 283 -32.81 -29.91 -16.72
CA LYS B 283 -32.42 -29.08 -17.85
C LYS B 283 -33.22 -27.79 -17.77
N GLN B 284 -34.54 -27.94 -17.81
CA GLN B 284 -35.46 -26.81 -17.74
C GLN B 284 -35.03 -25.83 -16.65
N GLU B 285 -34.66 -26.38 -15.50
CA GLU B 285 -34.21 -25.59 -14.36
C GLU B 285 -33.40 -24.43 -14.88
N GLN B 286 -32.34 -24.73 -15.65
CA GLN B 286 -31.32 -23.78 -16.20
C GLN B 286 -31.81 -22.69 -17.15
N GLU B 287 -32.37 -23.15 -18.24
CA GLU B 287 -32.91 -22.27 -19.30
C GLU B 287 -33.95 -21.31 -18.73
N THR B 288 -34.93 -21.85 -18.01
CA THR B 288 -35.99 -21.02 -17.42
C THR B 288 -35.37 -19.84 -16.66
N THR B 289 -34.33 -20.13 -15.90
CA THR B 289 -33.65 -19.11 -15.12
C THR B 289 -32.34 -18.69 -15.79
N HIS B 290 -32.05 -19.30 -16.94
CA HIS B 290 -30.83 -18.97 -17.67
C HIS B 290 -31.08 -17.77 -18.55
N LYS B 291 -32.13 -17.86 -19.38
CA LYS B 291 -32.22 -16.89 -20.52
C LYS B 291 -32.86 -15.78 -19.69
N ASN B 292 -33.39 -16.18 -18.54
CA ASN B 292 -34.02 -15.26 -17.60
C ASN B 292 -33.04 -14.13 -17.31
N ILE B 293 -31.75 -14.41 -17.50
CA ILE B 293 -30.68 -13.44 -17.26
C ILE B 293 -30.90 -12.20 -18.14
N GLU B 294 -31.28 -12.44 -19.36
CA GLU B 294 -31.54 -11.35 -20.29
C GLU B 294 -32.62 -10.43 -19.76
N GLU B 295 -33.58 -11.01 -19.05
CA GLU B 295 -34.64 -10.18 -18.55
C GLU B 295 -34.10 -9.04 -17.69
N ASP B 296 -33.14 -9.34 -16.83
CA ASP B 296 -32.32 -8.09 -16.43
C ASP B 296 -31.20 -7.29 -17.13
N ARG B 297 -30.45 -7.86 -18.07
CA ARG B 297 -29.53 -7.03 -18.85
C ARG B 297 -30.14 -5.74 -19.40
N LYS B 298 -31.25 -5.99 -20.06
CA LYS B 298 -32.02 -4.94 -20.64
C LYS B 298 -33.00 -4.34 -19.67
N LEU B 299 -33.87 -5.10 -19.07
CA LEU B 299 -34.87 -4.42 -18.21
C LEU B 299 -34.31 -3.36 -17.28
N LEU B 300 -33.29 -3.70 -16.60
CA LEU B 300 -32.57 -2.89 -15.66
C LEU B 300 -32.02 -1.55 -16.20
N ILE B 301 -31.52 -1.64 -17.39
CA ILE B 301 -30.98 -0.49 -18.07
C ILE B 301 -32.00 0.48 -18.65
N GLN B 302 -33.27 0.31 -18.40
CA GLN B 302 -34.28 1.20 -18.96
C GLN B 302 -34.76 2.02 -17.88
N ALA B 303 -33.85 2.18 -17.07
CA ALA B 303 -34.16 2.93 -15.95
C ALA B 303 -32.80 3.21 -15.38
N ALA B 304 -31.82 2.50 -15.93
CA ALA B 304 -30.47 2.66 -15.51
C ALA B 304 -29.70 3.60 -16.43
N ILE B 305 -30.44 4.26 -17.32
CA ILE B 305 -29.85 5.22 -18.24
C ILE B 305 -30.07 6.61 -17.64
N VAL B 306 -31.07 6.68 -16.77
CA VAL B 306 -31.43 7.91 -16.07
C VAL B 306 -30.55 8.07 -14.85
N ARG B 307 -30.33 6.96 -14.14
CA ARG B 307 -29.51 6.93 -12.93
C ARG B 307 -28.25 7.79 -13.03
N ILE B 308 -27.68 7.87 -14.22
CA ILE B 308 -26.48 8.68 -14.45
C ILE B 308 -26.95 9.98 -15.09
N MET B 309 -28.07 9.88 -15.83
CA MET B 309 -28.67 11.02 -16.51
C MET B 309 -29.16 12.05 -15.51
N LYS B 310 -28.98 11.74 -14.22
CA LYS B 310 -29.37 12.65 -13.15
C LYS B 310 -28.76 14.01 -13.45
N MET B 311 -27.48 14.00 -13.82
CA MET B 311 -26.75 15.22 -14.13
C MET B 311 -26.63 15.37 -15.65
N ARG B 312 -27.52 14.73 -16.38
CA ARG B 312 -27.50 14.79 -17.85
C ARG B 312 -28.90 15.01 -18.43
N LYS B 313 -28.97 15.85 -19.47
CA LYS B 313 -30.23 16.16 -20.14
C LYS B 313 -29.96 16.70 -21.54
N VAL B 314 -28.70 17.07 -21.79
CA VAL B 314 -28.27 17.58 -23.08
C VAL B 314 -26.87 17.06 -23.39
N LEU B 315 -26.81 15.84 -23.93
CA LEU B 315 -25.55 15.19 -24.26
C LEU B 315 -25.51 14.72 -25.71
N LYS B 316 -24.32 14.34 -26.16
CA LYS B 316 -24.13 13.86 -27.52
C LYS B 316 -23.90 12.35 -27.49
N HIS B 317 -24.52 11.62 -28.43
CA HIS B 317 -24.44 10.17 -28.53
C HIS B 317 -23.07 9.53 -28.64
N GLN B 318 -22.05 10.39 -28.67
CA GLN B 318 -20.64 10.00 -28.84
C GLN B 318 -20.08 9.74 -27.51
N GLN B 319 -20.75 10.36 -26.60
CA GLN B 319 -20.39 10.28 -25.21
C GLN B 319 -21.02 9.12 -24.49
N LEU B 320 -22.31 8.89 -24.71
CA LEU B 320 -22.95 7.83 -23.94
C LEU B 320 -22.47 6.41 -24.21
N LEU B 321 -22.04 6.11 -25.43
CA LEU B 321 -21.57 4.76 -25.73
C LEU B 321 -20.53 4.32 -24.71
N GLY B 322 -21.01 3.81 -23.58
CA GLY B 322 -20.14 3.38 -22.50
C GLY B 322 -20.41 4.14 -21.21
N GLU B 323 -21.25 5.18 -21.29
CA GLU B 323 -21.59 5.97 -20.12
C GLU B 323 -22.80 5.39 -19.37
N VAL B 324 -22.95 4.08 -19.44
CA VAL B 324 -24.00 3.34 -18.77
C VAL B 324 -23.36 2.13 -18.17
N LEU B 325 -22.03 2.01 -18.42
CA LEU B 325 -21.17 0.91 -17.93
C LEU B 325 -20.26 1.27 -16.75
N THR B 326 -19.49 2.30 -16.92
CA THR B 326 -18.56 2.70 -15.90
C THR B 326 -19.17 2.82 -14.51
N GLN B 327 -20.35 3.36 -14.46
CA GLN B 327 -21.03 3.53 -13.18
C GLN B 327 -22.36 2.79 -13.17
N LEU B 328 -22.34 1.52 -13.54
CA LEU B 328 -23.55 0.71 -13.57
C LEU B 328 -23.31 -0.75 -13.94
N SER B 329 -22.69 -0.97 -15.10
CA SER B 329 -22.40 -2.31 -15.58
C SER B 329 -21.50 -3.12 -14.64
N SER B 330 -21.39 -2.67 -13.40
CA SER B 330 -20.58 -3.37 -12.40
C SER B 330 -21.37 -4.62 -12.00
N ARG B 331 -22.01 -5.22 -12.99
CA ARG B 331 -22.80 -6.43 -12.80
C ARG B 331 -22.72 -7.35 -14.02
N PHE B 332 -22.36 -6.79 -15.18
CA PHE B 332 -22.23 -7.59 -16.38
C PHE B 332 -21.55 -6.90 -17.58
N LYS B 333 -20.96 -7.71 -18.46
CA LYS B 333 -20.26 -7.21 -19.63
C LYS B 333 -21.12 -7.31 -20.89
N PRO B 334 -21.90 -6.26 -21.20
CA PRO B 334 -22.74 -6.29 -22.40
C PRO B 334 -21.87 -6.42 -23.65
N ARG B 335 -22.13 -7.45 -24.45
CA ARG B 335 -21.37 -7.70 -25.68
C ARG B 335 -21.62 -6.58 -26.69
N VAL B 336 -20.85 -6.56 -27.78
CA VAL B 336 -21.00 -5.50 -28.79
C VAL B 336 -22.32 -5.54 -29.56
N PRO B 337 -22.86 -6.73 -29.86
CA PRO B 337 -24.12 -6.74 -30.61
C PRO B 337 -25.35 -6.54 -29.70
N VAL B 338 -25.27 -7.07 -28.49
CA VAL B 338 -26.38 -6.99 -27.56
C VAL B 338 -26.59 -5.66 -26.83
N ILE B 339 -25.91 -4.60 -27.28
CA ILE B 339 -26.09 -3.30 -26.64
C ILE B 339 -27.07 -2.44 -27.46
N LYS B 340 -27.03 -2.62 -28.78
CA LYS B 340 -27.91 -1.88 -29.69
C LYS B 340 -29.12 -2.76 -30.02
N LYS B 341 -30.11 -2.74 -29.13
CA LYS B 341 -31.31 -3.55 -29.32
C LYS B 341 -32.42 -3.10 -28.35
N CYS B 342 -32.12 -3.13 -27.06
CA CYS B 342 -33.09 -2.72 -26.04
C CYS B 342 -33.27 -1.20 -25.99
N ILE B 343 -32.47 -0.47 -26.75
CA ILE B 343 -32.55 0.99 -26.79
C ILE B 343 -33.81 1.35 -27.57
N ASP B 344 -34.21 0.45 -28.45
CA ASP B 344 -35.38 0.65 -29.28
C ASP B 344 -36.59 0.42 -28.44
N ILE B 345 -36.33 -0.14 -27.29
CA ILE B 345 -37.50 -0.41 -26.51
C ILE B 345 -38.13 0.86 -25.80
N LEU B 346 -37.44 1.63 -24.93
CA LEU B 346 -38.05 2.78 -24.14
C LEU B 346 -38.78 3.93 -24.85
N ILE B 347 -38.55 4.17 -26.13
CA ILE B 347 -39.38 5.12 -26.90
C ILE B 347 -40.87 4.82 -26.83
N GLU B 348 -41.18 3.51 -26.88
CA GLU B 348 -42.58 3.16 -26.83
C GLU B 348 -43.09 3.15 -25.38
N LYS B 349 -42.27 3.53 -24.46
CA LYS B 349 -42.77 3.49 -23.07
C LYS B 349 -42.69 4.86 -22.43
N GLU B 350 -42.55 5.91 -23.24
CA GLU B 350 -42.47 7.28 -22.76
C GLU B 350 -41.13 7.60 -22.10
N TYR B 351 -40.04 7.16 -22.73
CA TYR B 351 -38.70 7.41 -22.20
C TYR B 351 -37.88 8.34 -23.10
N LEU B 352 -36.64 7.94 -23.37
CA LEU B 352 -35.74 8.73 -24.21
C LEU B 352 -36.30 8.93 -25.61
N GLU B 353 -35.66 9.83 -26.34
CA GLU B 353 -36.05 10.16 -27.69
C GLU B 353 -34.84 10.82 -28.36
N ARG B 354 -34.79 10.80 -29.68
CA ARG B 354 -33.67 11.41 -30.39
C ARG B 354 -33.86 12.92 -30.45
N VAL B 355 -33.32 13.62 -29.46
CA VAL B 355 -33.44 15.07 -29.40
C VAL B 355 -33.24 15.69 -30.79
N ASP B 356 -34.12 16.61 -31.14
CA ASP B 356 -34.04 17.25 -32.45
C ASP B 356 -33.09 18.44 -32.43
N GLY B 357 -31.88 18.18 -31.91
CA GLY B 357 -30.84 19.19 -31.85
C GLY B 357 -29.68 18.70 -32.68
N GLU B 358 -29.36 17.41 -32.53
CA GLU B 358 -28.27 16.79 -33.27
C GLU B 358 -28.57 15.34 -33.62
N LYS B 359 -27.91 14.85 -34.66
CA LYS B 359 -28.06 13.48 -35.13
C LYS B 359 -27.65 12.48 -34.06
N ASP B 360 -26.96 12.98 -33.03
CA ASP B 360 -26.49 12.15 -31.94
C ASP B 360 -26.88 12.78 -30.60
N THR B 361 -28.13 12.56 -30.19
CA THR B 361 -28.65 13.11 -28.94
C THR B 361 -29.72 12.24 -28.28
N TYR B 362 -29.85 12.37 -26.96
CA TYR B 362 -30.84 11.60 -26.16
C TYR B 362 -31.84 12.57 -25.45
N SER B 363 -33.20 12.30 -25.41
CA SER B 363 -34.19 13.26 -24.84
C SER B 363 -34.94 12.68 -23.60
N TYR B 364 -34.35 12.89 -22.39
CA TYR B 364 -34.97 12.22 -21.22
C TYR B 364 -36.13 12.90 -20.51
N LEU B 365 -37.10 11.97 -20.48
CA LEU B 365 -38.47 11.93 -19.91
C LEU B 365 -38.41 11.31 -18.53
N ALA B 366 -38.89 12.03 -17.53
CA ALA B 366 -38.83 11.49 -16.17
C ALA B 366 -39.94 12.05 -15.30
N LYS C 1 -56.53 -55.88 1.00
CA LYS C 1 -55.99 -55.61 -0.33
C LYS C 1 -54.79 -54.65 -0.26
N LYS C 2 -54.64 -53.85 -1.31
CA LYS C 2 -53.55 -52.88 -1.40
C LYS C 2 -53.87 -51.60 -0.63
N ARG C 3 -52.86 -50.76 -0.41
CA ARG C 3 -53.01 -49.53 0.33
C ARG C 3 -51.64 -48.98 0.69
N PHE C 4 -51.52 -47.72 0.76
CA PHE C 4 -50.35 -46.94 1.06
C PHE C 4 -50.96 -45.74 1.71
N GLU C 5 -50.56 -45.41 2.90
CA GLU C 5 -51.16 -44.22 3.52
C GLU C 5 -50.03 -43.20 3.65
N VAL C 6 -50.42 -41.94 3.61
CA VAL C 6 -49.50 -40.81 3.74
C VAL C 6 -48.90 -40.82 5.13
N LYS C 7 -47.86 -41.62 5.36
CA LYS C 7 -47.24 -41.67 6.67
C LYS C 7 -47.08 -40.26 7.21
N LYS C 8 -46.37 -39.42 6.47
CA LYS C 8 -46.14 -38.04 6.87
C LYS C 8 -46.03 -37.16 5.63
N TRP C 9 -46.66 -36.00 5.69
CA TRP C 9 -46.66 -35.04 4.59
C TRP C 9 -46.12 -33.70 5.07
N ASN C 10 -45.70 -32.87 4.12
CA ASN C 10 -45.17 -31.54 4.41
C ASN C 10 -45.80 -30.60 3.42
N ALA C 11 -45.54 -29.31 3.56
CA ALA C 11 -46.11 -28.36 2.64
C ALA C 11 -45.43 -27.00 2.65
N VAL C 12 -45.84 -26.19 1.69
CA VAL C 12 -45.33 -24.83 1.52
C VAL C 12 -46.39 -24.07 0.74
N ALA C 13 -46.28 -22.75 0.72
CA ALA C 13 -47.24 -21.93 0.01
C ALA C 13 -46.83 -20.47 -0.04
N LEU C 14 -46.72 -19.94 -1.25
CA LEU C 14 -46.37 -18.54 -1.42
C LEU C 14 -47.62 -17.77 -1.04
N TRP C 15 -47.47 -16.61 -0.39
CA TRP C 15 -48.64 -15.84 0.00
C TRP C 15 -48.96 -14.66 -0.89
N ALA C 16 -49.87 -13.80 -0.40
CA ALA C 16 -50.31 -12.61 -1.11
C ALA C 16 -51.41 -11.93 -0.29
N TRP C 17 -51.96 -10.86 -0.83
CA TRP C 17 -53.03 -10.13 -0.16
C TRP C 17 -54.38 -10.47 -0.77
N ASP C 18 -55.28 -11.04 0.03
CA ASP C 18 -56.61 -11.43 -0.42
C ASP C 18 -56.63 -11.96 -1.85
N ILE C 19 -57.28 -11.24 -2.75
CA ILE C 19 -57.36 -11.65 -4.15
C ILE C 19 -57.41 -10.45 -5.09
N VAL C 20 -56.31 -10.21 -5.78
CA VAL C 20 -56.20 -9.09 -6.72
C VAL C 20 -55.19 -9.45 -7.80
N VAL C 21 -54.51 -10.58 -7.62
CA VAL C 21 -53.51 -11.06 -8.56
C VAL C 21 -54.00 -11.11 -10.01
N ASP C 22 -55.31 -11.23 -10.19
CA ASP C 22 -55.89 -11.31 -11.52
C ASP C 22 -55.86 -10.00 -12.29
N ASN C 23 -55.53 -8.90 -11.62
CA ASN C 23 -55.49 -7.60 -12.30
C ASN C 23 -54.48 -6.62 -11.70
N CYS C 24 -54.19 -5.57 -12.45
CA CYS C 24 -53.26 -4.53 -12.02
C CYS C 24 -53.98 -3.59 -11.07
N ALA C 25 -55.22 -3.95 -10.70
CA ALA C 25 -56.03 -3.13 -9.84
C ALA C 25 -56.33 -1.87 -10.64
N ILE C 26 -55.98 -1.92 -11.91
CA ILE C 26 -56.16 -0.82 -12.85
C ILE C 26 -56.92 -1.37 -14.05
N CYS C 27 -56.43 -2.47 -14.58
CA CYS C 27 -57.03 -3.13 -15.74
C CYS C 27 -57.77 -4.40 -15.28
N ARG C 28 -59.04 -4.25 -14.96
CA ARG C 28 -59.85 -5.37 -14.50
C ARG C 28 -60.73 -5.91 -15.62
N ASN C 29 -60.36 -7.09 -16.13
CA ASN C 29 -61.12 -7.72 -17.21
C ASN C 29 -60.70 -9.18 -17.39
N HIS C 30 -59.41 -9.45 -17.26
CA HIS C 30 -58.88 -10.80 -17.41
C HIS C 30 -57.38 -10.78 -17.11
N ILE C 31 -56.65 -11.78 -17.62
CA ILE C 31 -55.22 -11.86 -17.41
C ILE C 31 -54.43 -11.95 -18.72
N MET C 32 -54.92 -11.28 -19.74
CA MET C 32 -54.26 -11.28 -21.05
C MET C 32 -53.40 -10.03 -21.22
N ASP C 33 -53.17 -9.64 -22.48
CA ASP C 33 -52.37 -8.46 -22.78
C ASP C 33 -53.26 -7.25 -23.03
N LEU C 34 -53.57 -6.51 -21.97
CA LEU C 34 -54.42 -5.33 -22.07
C LEU C 34 -53.65 -4.08 -21.66
N CYS C 35 -53.30 -4.00 -20.38
CA CYS C 35 -52.58 -2.86 -19.83
C CYS C 35 -53.08 -1.53 -20.39
N ILE C 36 -54.37 -1.48 -20.69
CA ILE C 36 -55.01 -0.28 -21.21
C ILE C 36 -54.41 0.20 -22.53
N GLU C 37 -53.24 0.84 -22.45
CA GLU C 37 -52.56 1.38 -23.62
C GLU C 37 -52.36 0.36 -24.73
N CYS C 38 -51.97 -0.86 -24.36
CA CYS C 38 -51.72 -1.91 -25.35
C CYS C 38 -52.99 -2.61 -25.83
N GLN C 39 -54.15 -2.19 -25.33
CA GLN C 39 -55.41 -2.79 -25.73
C GLN C 39 -56.33 -1.76 -26.36
N ALA C 40 -55.90 -0.51 -26.35
CA ALA C 40 -56.68 0.59 -26.92
C ALA C 40 -56.15 0.92 -28.32
N ASN C 41 -54.88 0.60 -28.54
CA ASN C 41 -54.23 0.85 -29.82
C ASN C 41 -53.36 -0.34 -30.21
N GLN C 42 -53.92 -1.24 -31.02
CA GLN C 42 -53.20 -2.42 -31.46
C GLN C 42 -52.09 -2.05 -32.45
N ALA C 43 -51.36 -3.06 -32.92
CA ALA C 43 -50.28 -2.84 -33.87
C ALA C 43 -49.19 -1.94 -33.28
N SER C 44 -48.21 -2.57 -32.64
CA SER C 44 -47.11 -1.83 -32.02
C SER C 44 -45.96 -2.76 -31.68
N ALA C 45 -44.90 -2.20 -31.09
CA ALA C 45 -43.74 -2.99 -30.71
C ALA C 45 -43.57 -3.02 -29.20
N THR C 46 -44.69 -3.09 -28.49
CA THR C 46 -44.68 -3.11 -27.03
C THR C 46 -45.64 -4.17 -26.49
N SER C 47 -46.51 -4.68 -27.37
CA SER C 47 -47.48 -5.69 -26.98
C SER C 47 -46.82 -7.06 -26.83
N GLU C 48 -45.53 -7.13 -27.13
CA GLU C 48 -44.78 -8.37 -27.03
C GLU C 48 -44.18 -8.53 -25.64
N GLU C 49 -44.25 -7.46 -24.84
CA GLU C 49 -43.71 -7.50 -23.50
C GLU C 49 -44.70 -6.96 -22.47
N CYS C 50 -45.62 -7.83 -22.04
CA CYS C 50 -46.63 -7.47 -21.07
C CYS C 50 -47.05 -8.71 -20.26
N THR C 51 -46.06 -9.42 -19.74
CA THR C 51 -46.30 -10.63 -18.96
C THR C 51 -46.77 -10.28 -17.55
N VAL C 52 -46.49 -11.17 -16.60
CA VAL C 52 -46.88 -10.96 -15.21
C VAL C 52 -45.67 -10.64 -14.33
N ALA C 53 -45.85 -9.69 -13.42
CA ALA C 53 -44.79 -9.28 -12.52
C ALA C 53 -45.35 -8.96 -11.14
N TRP C 54 -44.53 -9.14 -10.12
CA TRP C 54 -44.96 -8.88 -8.74
C TRP C 54 -44.14 -7.75 -8.11
N GLY C 55 -44.56 -7.32 -6.93
CA GLY C 55 -43.86 -6.27 -6.22
C GLY C 55 -43.34 -6.72 -4.87
N VAL C 56 -43.56 -5.91 -3.84
CA VAL C 56 -43.11 -6.24 -2.49
C VAL C 56 -44.14 -5.82 -1.44
N CYS C 57 -44.83 -4.72 -1.71
CA CYS C 57 -45.84 -4.21 -0.79
C CYS C 57 -47.19 -4.91 -0.97
N ASN C 58 -47.18 -6.00 -1.74
CA ASN C 58 -48.39 -6.78 -1.99
C ASN C 58 -49.52 -5.97 -2.62
N HIS C 59 -49.68 -6.09 -3.93
CA HIS C 59 -50.72 -5.38 -4.68
C HIS C 59 -51.11 -6.18 -5.91
N ALA C 60 -50.15 -6.92 -6.46
CA ALA C 60 -50.38 -7.74 -7.65
C ALA C 60 -50.70 -6.90 -8.87
N PHE C 61 -50.03 -7.19 -9.98
CA PHE C 61 -50.24 -6.47 -11.23
C PHE C 61 -49.48 -7.10 -12.38
N HIS C 62 -49.64 -6.53 -13.58
CA HIS C 62 -48.97 -7.03 -14.76
C HIS C 62 -47.49 -6.71 -14.75
N PHE C 63 -46.90 -6.65 -15.94
CA PHE C 63 -45.48 -6.36 -16.09
C PHE C 63 -45.31 -4.93 -16.59
N HIS C 64 -46.27 -4.48 -17.39
CA HIS C 64 -46.24 -3.13 -17.94
C HIS C 64 -46.88 -2.14 -16.97
N CYS C 65 -47.49 -2.65 -15.92
CA CYS C 65 -48.14 -1.80 -14.92
C CYS C 65 -47.12 -1.31 -13.89
N ILE C 66 -45.98 -0.82 -14.38
CA ILE C 66 -44.93 -0.31 -13.51
C ILE C 66 -44.40 1.02 -14.02
N SER C 67 -44.21 1.10 -15.34
CA SER C 67 -43.70 2.32 -15.97
C SER C 67 -44.81 3.31 -16.29
N ARG C 68 -45.88 2.83 -16.90
CA ARG C 68 -47.01 3.69 -17.27
C ARG C 68 -47.97 3.88 -16.11
N TRP C 69 -47.51 3.60 -14.90
CA TRP C 69 -48.36 3.74 -13.71
C TRP C 69 -47.56 3.69 -12.42
N LEU C 70 -47.11 4.85 -11.95
CA LEU C 70 -46.34 4.94 -10.72
C LEU C 70 -45.78 6.35 -10.51
N LYS C 71 -44.61 6.60 -11.10
CA LYS C 71 -43.91 7.88 -11.01
C LYS C 71 -44.73 9.08 -10.54
N THR C 72 -44.28 9.72 -9.47
CA THR C 72 -44.94 10.89 -8.92
C THR C 72 -44.04 11.70 -7.98
N ARG C 73 -43.70 11.14 -6.83
CA ARG C 73 -42.83 11.89 -5.91
C ARG C 73 -42.10 11.08 -4.84
N GLN C 74 -42.73 10.06 -4.26
CA GLN C 74 -42.08 9.27 -3.22
C GLN C 74 -42.26 7.76 -3.27
N VAL C 75 -42.95 7.21 -2.27
CA VAL C 75 -43.17 5.77 -2.19
C VAL C 75 -44.56 5.34 -2.63
N CYS C 76 -44.76 4.03 -2.77
CA CYS C 76 -46.04 3.47 -3.19
C CYS C 76 -47.18 4.07 -2.36
N PRO C 77 -48.30 4.39 -3.01
CA PRO C 77 -49.46 4.98 -2.33
C PRO C 77 -50.06 4.03 -1.28
N LEU C 78 -50.69 4.61 -0.27
CA LEU C 78 -51.31 3.85 0.81
C LEU C 78 -50.26 3.19 1.70
N ASP C 79 -49.33 2.44 1.10
CA ASP C 79 -48.29 1.78 1.82
C ASP C 79 -46.94 2.38 1.52
N ASN C 80 -46.70 3.59 2.05
CA ASN C 80 -45.45 4.31 1.82
C ASN C 80 -44.31 3.74 2.66
N ARG C 81 -43.86 4.51 3.65
CA ARG C 81 -42.77 4.11 4.53
C ARG C 81 -41.50 3.86 3.71
N GLU C 82 -41.29 2.61 3.32
CA GLU C 82 -40.12 2.25 2.53
C GLU C 82 -40.53 1.32 1.40
N TRP C 83 -39.62 1.05 0.48
CA TRP C 83 -39.92 0.17 -0.65
C TRP C 83 -38.67 -0.55 -1.16
N GLU C 84 -38.88 -1.74 -1.71
CA GLU C 84 -37.79 -2.54 -2.25
C GLU C 84 -38.18 -3.05 -3.64
N PHE C 85 -37.22 -3.07 -4.55
CA PHE C 85 -37.47 -3.51 -5.92
C PHE C 85 -37.57 -5.04 -5.97
N GLN C 86 -36.42 -5.69 -6.12
CA GLN C 86 -36.33 -7.15 -6.17
C GLN C 86 -37.45 -7.79 -7.01
N LYS C 87 -37.64 -9.09 -6.81
CA LYS C 87 -38.67 -9.84 -7.53
C LYS C 87 -38.58 -9.59 -9.03
N TYR C 88 -37.74 -10.37 -9.71
CA TYR C 88 -37.57 -10.22 -11.15
C TYR C 88 -38.22 -11.39 -11.90
N PRO D 1 40.80 17.66 36.76
CA PRO D 1 41.88 18.08 35.87
C PRO D 1 42.92 18.87 36.66
N SER D 2 44.09 18.98 36.19
CA SER D 2 44.98 19.63 37.08
C SER D 2 46.16 20.13 36.29
N ILE D 3 46.08 21.37 35.81
CA ILE D 3 47.18 21.88 35.00
C ILE D 3 48.04 22.90 35.75
N LYS D 4 49.32 22.97 35.39
CA LYS D 4 50.27 23.88 36.02
C LYS D 4 50.34 25.25 35.31
N LEU D 5 50.89 26.25 36.00
CA LEU D 5 51.04 27.61 35.45
C LEU D 5 52.27 28.36 35.97
N GLN D 6 53.47 27.83 35.71
CA GLN D 6 54.70 28.48 36.20
C GLN D 6 54.91 29.91 35.68
N SER D 7 54.18 30.87 36.24
CA SER D 7 54.26 32.28 35.85
C SER D 7 55.67 32.82 35.62
N SER D 8 55.79 33.76 34.70
CA SER D 8 57.07 34.36 34.33
C SER D 8 58.06 34.51 35.47
N ASP D 9 57.58 34.95 36.63
CA ASP D 9 58.42 35.16 37.79
C ASP D 9 58.96 33.91 38.48
N GLY D 10 58.09 32.92 38.70
CA GLY D 10 58.53 31.70 39.34
C GLY D 10 57.43 30.87 40.01
N GLU D 11 56.46 31.54 40.61
CA GLU D 11 55.38 30.82 41.28
C GLU D 11 54.59 29.94 40.33
N ILE D 12 53.86 29.00 40.91
CA ILE D 12 53.08 28.04 40.13
C ILE D 12 51.70 27.91 40.76
N PHE D 13 50.70 27.50 39.98
CA PHE D 13 49.35 27.36 40.49
C PHE D 13 48.60 26.13 40.01
N GLU D 14 48.58 25.07 40.82
CA GLU D 14 47.87 23.84 40.48
C GLU D 14 46.43 24.21 40.11
N VAL D 15 46.23 24.60 38.86
CA VAL D 15 44.91 25.04 38.37
C VAL D 15 44.05 23.98 37.69
N ASP D 16 42.72 24.12 37.81
CA ASP D 16 41.80 23.17 37.20
C ASP D 16 41.67 23.44 35.70
N VAL D 17 41.28 22.41 34.95
CA VAL D 17 41.12 22.50 33.49
C VAL D 17 40.37 23.75 33.03
N GLU D 18 39.05 23.64 32.93
CA GLU D 18 38.17 24.73 32.48
C GLU D 18 38.55 26.11 33.05
N ILE D 19 39.40 26.10 34.07
CA ILE D 19 39.84 27.35 34.68
C ILE D 19 40.79 28.01 33.69
N ALA D 20 41.52 27.18 32.96
CA ALA D 20 42.47 27.64 31.97
C ALA D 20 41.78 27.74 30.60
N LYS D 21 40.77 26.89 30.40
CA LYS D 21 40.03 26.87 29.15
C LYS D 21 39.40 28.21 28.76
N GLN D 22 39.30 29.12 29.72
CA GLN D 22 38.73 30.42 29.43
C GLN D 22 39.79 31.22 28.70
N SER D 23 41.06 30.85 28.92
CA SER D 23 42.19 31.52 28.26
C SER D 23 42.52 30.78 26.97
N VAL D 24 41.88 31.20 25.87
CA VAL D 24 42.07 30.55 24.59
C VAL D 24 43.54 30.32 24.23
N THR D 25 44.44 31.16 24.74
CA THR D 25 45.84 30.94 24.40
C THR D 25 46.26 29.58 24.92
N ILE D 26 45.72 29.20 26.08
CA ILE D 26 46.07 27.91 26.67
C ILE D 26 45.08 26.80 26.36
N LYS D 27 43.80 27.11 26.28
CA LYS D 27 42.78 26.09 26.00
C LYS D 27 43.12 25.26 24.76
N THR D 28 44.02 25.78 23.95
CA THR D 28 44.42 25.05 22.74
C THR D 28 45.52 24.12 23.09
N MET D 29 46.56 24.67 23.50
CA MET D 29 47.59 23.79 23.79
C MET D 29 47.29 22.90 25.04
N LEU D 30 46.11 22.36 25.22
CA LEU D 30 46.08 21.47 26.39
C LEU D 30 45.18 20.28 26.33
N GLU D 31 44.35 20.41 25.37
CA GLU D 31 43.34 19.44 25.31
C GLU D 31 43.66 18.34 24.34
N ASP D 32 43.75 18.69 23.06
CA ASP D 32 44.01 17.71 22.00
C ASP D 32 45.50 17.85 21.71
N LEU D 33 46.00 19.06 21.93
CA LEU D 33 47.42 19.39 21.73
C LEU D 33 47.94 19.79 23.10
N GLY D 34 47.72 18.92 24.08
CA GLY D 34 48.16 19.17 25.45
C GLY D 34 49.58 19.63 25.67
N MET D 35 49.82 19.96 26.93
CA MET D 35 51.10 20.44 27.44
C MET D 35 51.24 19.88 28.88
N ASP D 36 52.29 20.32 29.53
CA ASP D 36 52.73 20.01 30.83
C ASP D 36 53.31 21.35 31.22
N PRO D 37 54.31 21.46 32.07
CA PRO D 37 54.48 22.87 32.60
C PRO D 37 54.23 24.15 31.78
N VAL D 38 52.95 24.59 31.76
CA VAL D 38 52.53 25.77 30.99
C VAL D 38 53.13 27.13 31.42
N PRO D 39 54.21 27.40 30.73
CA PRO D 39 54.98 28.65 30.90
C PRO D 39 54.23 29.94 30.51
N LEU D 40 54.55 31.05 31.07
CA LEU D 40 53.94 32.28 30.67
C LEU D 40 55.05 33.27 31.04
N PRO D 41 56.00 33.49 30.14
CA PRO D 41 57.10 34.46 30.23
C PRO D 41 56.72 35.94 30.16
N ASN D 42 55.46 36.21 29.86
CA ASN D 42 55.00 37.59 29.77
C ASN D 42 54.14 38.00 30.96
N VAL D 43 53.44 37.03 31.55
CA VAL D 43 52.57 37.30 32.69
C VAL D 43 53.04 36.72 34.02
N ASN D 44 53.68 37.56 34.83
CA ASN D 44 54.18 37.15 36.14
C ASN D 44 53.03 36.78 37.07
N ALA D 45 53.36 35.99 38.10
CA ALA D 45 52.40 35.52 39.09
C ALA D 45 51.67 36.67 39.77
N ALA D 46 52.42 37.65 40.25
CA ALA D 46 51.83 38.81 40.90
C ALA D 46 50.60 39.20 40.09
N ILE D 47 50.72 39.05 38.78
CA ILE D 47 49.65 39.35 37.87
C ILE D 47 48.74 38.15 37.70
N LEU D 48 49.32 36.99 37.41
CA LEU D 48 48.55 35.77 37.20
C LEU D 48 47.66 35.52 38.41
N LYS D 49 48.18 35.89 39.58
CA LYS D 49 47.47 35.74 40.85
C LYS D 49 46.03 36.19 40.64
N LYS D 50 45.86 37.48 40.45
CA LYS D 50 44.54 38.05 40.22
C LYS D 50 43.90 37.32 39.03
N VAL D 51 44.70 37.02 38.03
CA VAL D 51 44.21 36.35 36.83
C VAL D 51 43.58 35.02 37.17
N ILE D 52 44.45 34.05 37.46
CA ILE D 52 44.00 32.70 37.79
C ILE D 52 42.74 32.71 38.65
N GLN D 53 42.69 33.61 39.63
CA GLN D 53 41.53 33.68 40.49
C GLN D 53 40.37 34.37 39.75
N TRP D 54 40.68 35.43 39.00
CA TRP D 54 39.64 36.11 38.24
C TRP D 54 39.04 35.00 37.39
N CYS D 55 39.94 34.22 36.80
CA CYS D 55 39.57 33.09 35.96
C CYS D 55 38.78 32.10 36.79
N THR D 56 39.25 31.86 38.01
CA THR D 56 38.60 30.94 38.92
C THR D 56 37.11 31.28 38.96
N HIS D 57 36.82 32.53 39.34
CA HIS D 57 35.45 33.01 39.47
C HIS D 57 34.64 32.83 38.20
N HIS D 58 35.19 33.31 37.08
CA HIS D 58 34.49 33.18 35.81
C HIS D 58 34.62 31.79 35.19
N LYS D 59 33.52 31.06 35.25
CA LYS D 59 33.40 29.71 34.72
C LYS D 59 31.91 29.47 34.64
N ASP D 60 31.18 30.37 35.27
CA ASP D 60 29.72 30.33 35.33
C ASP D 60 29.15 31.09 34.13
N ASP D 61 29.99 31.31 33.12
CA ASP D 61 29.59 32.03 31.91
C ASP D 61 29.62 31.12 30.68
N ASP D 77 25.21 48.44 31.43
CA ASP D 77 25.36 46.97 31.68
C ASP D 77 26.73 46.66 32.27
N ILE D 78 27.51 47.71 32.52
CA ILE D 78 28.84 47.56 33.08
C ILE D 78 28.75 46.86 34.43
N PRO D 79 29.22 45.60 34.52
CA PRO D 79 29.19 44.82 35.76
C PRO D 79 29.61 45.60 37.00
N VAL D 80 28.97 45.30 38.12
CA VAL D 80 29.27 45.95 39.39
C VAL D 80 30.23 45.05 40.16
N TRP D 81 30.07 43.74 39.98
CA TRP D 81 30.91 42.76 40.65
C TRP D 81 32.39 43.06 40.39
N ASP D 82 32.78 42.96 39.13
CA ASP D 82 34.16 43.21 38.72
C ASP D 82 34.64 44.59 39.16
N GLN D 83 33.70 45.51 39.36
CA GLN D 83 34.07 46.85 39.78
C GLN D 83 34.91 46.77 41.05
N GLU D 84 34.58 45.80 41.90
CA GLU D 84 35.28 45.60 43.15
C GLU D 84 36.64 44.95 42.90
N PHE D 85 36.66 43.86 42.14
CA PHE D 85 37.90 43.17 41.84
C PHE D 85 38.78 44.05 40.96
N LEU D 86 38.15 44.72 40.00
CA LEU D 86 38.84 45.60 39.08
C LEU D 86 38.97 47.02 39.61
N LYS D 87 39.27 47.15 40.90
CA LYS D 87 39.42 48.48 41.47
C LYS D 87 40.77 48.59 42.16
N VAL D 88 41.82 48.64 41.34
CA VAL D 88 43.19 48.77 41.82
C VAL D 88 43.80 49.94 41.06
N ASP D 89 44.97 50.40 41.50
CA ASP D 89 45.61 51.52 40.83
C ASP D 89 45.67 51.31 39.33
N GLN D 90 45.93 52.37 38.58
CA GLN D 90 46.00 52.27 37.13
C GLN D 90 47.01 51.23 36.68
N GLY D 91 48.29 51.49 36.95
CA GLY D 91 49.35 50.58 36.57
C GLY D 91 48.96 49.11 36.69
N THR D 92 48.49 48.72 37.87
CA THR D 92 48.08 47.35 38.12
C THR D 92 47.05 46.91 37.08
N LEU D 93 46.21 47.85 36.65
CA LEU D 93 45.19 47.54 35.66
C LEU D 93 45.79 47.46 34.25
N PHE D 94 46.51 48.51 33.86
CA PHE D 94 47.14 48.56 32.54
C PHE D 94 48.15 47.43 32.36
N GLU D 95 48.91 47.17 33.42
CA GLU D 95 49.03 45.35 33.30
C GLU D 95 48.12 44.12 33.17
N LEU D 96 46.85 44.33 33.51
CA LEU D 96 45.83 43.30 33.43
C LEU D 96 45.29 43.25 32.02
N ILE D 97 45.52 44.30 31.24
CA ILE D 97 45.06 44.31 29.86
C ILE D 97 46.05 43.45 29.17
N LEU D 98 47.27 43.79 29.49
CA LEU D 98 48.23 43.01 28.84
C LEU D 98 48.25 41.58 29.37
N ALA D 99 47.81 41.16 30.50
CA ALA D 99 47.95 39.69 30.53
C ALA D 99 46.74 38.92 29.92
N ALA D 100 45.54 39.48 29.83
CA ALA D 100 44.41 38.74 29.25
C ALA D 100 44.45 38.67 27.72
N ASN D 101 45.04 39.71 27.14
CA ASN D 101 45.20 39.80 25.70
C ASN D 101 46.17 38.68 25.36
N TYR D 102 47.17 38.54 26.22
CA TYR D 102 48.20 37.51 26.09
C TYR D 102 47.53 36.13 26.07
N LEU D 103 46.54 35.91 26.93
CA LEU D 103 46.38 34.36 27.28
C LEU D 103 45.10 34.43 26.44
N ASP D 104 44.85 35.61 25.88
CA ASP D 104 43.68 35.89 25.06
C ASP D 104 42.38 35.43 25.72
N ILE D 105 42.04 36.04 26.85
CA ILE D 105 40.80 35.70 27.54
C ILE D 105 39.85 36.87 27.28
N LYS D 106 39.00 36.72 26.27
CA LYS D 106 38.06 37.77 25.90
C LYS D 106 37.42 38.39 27.13
N GLY D 107 36.52 37.65 27.75
CA GLY D 107 35.83 38.11 28.94
C GLY D 107 36.59 39.16 29.73
N LEU D 108 37.47 38.71 30.62
CA LEU D 108 38.22 39.64 31.44
C LEU D 108 38.70 40.85 30.65
N LEU D 109 39.29 40.62 29.49
CA LEU D 109 39.76 41.74 28.69
C LEU D 109 38.60 42.70 28.48
N ASP D 110 37.51 42.18 27.90
CA ASP D 110 36.32 42.98 27.67
C ASP D 110 36.04 43.87 28.87
N VAL D 111 35.64 43.35 30.00
CA VAL D 111 35.27 44.14 31.21
C VAL D 111 36.21 45.23 31.67
N THR D 112 37.37 44.67 31.86
CA THR D 112 38.46 45.45 32.28
C THR D 112 38.54 46.58 31.35
N CYS D 113 38.75 46.17 30.14
CA CYS D 113 38.85 47.13 29.10
C CYS D 113 37.85 48.26 29.33
N LYS D 114 36.58 47.91 29.46
CA LYS D 114 35.52 48.90 29.65
C LYS D 114 35.97 49.90 30.69
N THR D 115 36.53 49.40 31.78
CA THR D 115 37.00 50.25 32.86
C THR D 115 37.99 51.28 32.30
N VAL D 116 38.85 50.84 31.39
CA VAL D 116 39.82 51.73 30.79
C VAL D 116 39.07 52.83 30.06
N ALA D 117 37.76 52.63 29.92
CA ALA D 117 36.92 53.61 29.24
C ALA D 117 36.22 54.47 30.28
N ASN D 118 35.78 53.86 31.37
CA ASN D 118 35.09 54.58 32.44
C ASN D 118 35.96 55.67 33.04
N MET D 119 37.27 55.44 33.03
CA MET D 119 38.13 56.74 33.09
C MET D 119 38.11 57.88 32.09
N ILE D 120 37.13 57.83 31.19
CA ILE D 120 36.97 58.86 30.16
C ILE D 120 35.50 59.29 30.16
N LYS D 121 34.65 58.44 30.73
CA LYS D 121 33.22 58.71 30.83
C LYS D 121 32.95 59.90 31.74
N GLY D 122 32.92 61.10 31.15
CA GLY D 122 32.65 62.29 31.94
C GLY D 122 33.88 63.09 32.30
N LYS D 123 34.78 63.27 31.33
CA LYS D 123 36.00 64.03 31.57
C LYS D 123 36.38 64.80 30.32
N THR D 124 37.46 65.57 30.38
CA THR D 124 37.91 66.34 29.24
C THR D 124 39.35 66.02 28.87
N PRO D 125 39.82 66.52 27.71
CA PRO D 125 41.19 66.29 27.24
C PRO D 125 42.28 66.42 28.29
N GLU D 126 42.51 67.64 28.76
CA GLU D 126 43.54 67.87 29.78
C GLU D 126 43.10 67.11 31.03
N GLU D 127 41.82 66.78 31.10
CA GLU D 127 41.25 66.06 32.24
C GLU D 127 41.67 64.59 32.14
N ILE D 128 41.67 64.05 30.93
CA ILE D 128 42.06 62.66 30.71
C ILE D 128 43.51 62.59 31.13
N ARG D 129 44.34 63.37 30.44
CA ARG D 129 45.76 63.45 30.69
C ARG D 129 46.07 63.59 32.18
N LYS D 130 45.16 64.22 32.92
CA LYS D 130 45.36 64.41 34.36
C LYS D 130 45.23 63.11 35.14
N THR D 131 45.16 62.01 34.42
CA THR D 131 45.07 60.69 35.02
C THR D 131 45.79 59.68 34.13
N PHE D 132 46.10 60.11 32.91
CA PHE D 132 46.81 59.25 31.97
C PHE D 132 48.19 59.81 31.64
N ASN D 133 48.41 61.07 32.02
CA ASN D 133 49.69 61.72 31.80
C ASN D 133 50.08 61.66 30.32
N TRP E 1 49.01 53.65 26.90
CA TRP E 1 50.11 54.33 26.16
C TRP E 1 51.15 53.35 25.60
N ASP E 2 52.41 53.74 25.67
CA ASP E 2 53.51 52.93 25.17
C ASP E 2 53.17 51.43 25.18
N SER E 3 53.07 50.88 26.39
CA SER E 3 52.76 49.46 26.56
C SER E 3 51.51 49.04 25.81
N LEU E 4 50.45 49.84 25.93
CA LEU E 4 49.18 49.54 25.29
C LEU E 4 49.22 49.80 23.79
N PRO E 5 48.96 48.66 23.04
CA PRO E 5 48.82 48.55 21.54
C PRO E 5 47.63 49.28 21.00
N ASP E 6 47.44 49.21 19.70
CA ASP E 6 46.36 49.84 18.97
C ASP E 6 45.17 49.01 18.86
N GLU E 7 45.42 47.79 18.51
CA GLU E 7 44.29 46.91 18.44
C GLU E 7 43.54 46.93 19.78
N LEU E 8 44.21 46.62 20.91
CA LEU E 8 43.58 46.71 22.24
C LEU E 8 42.99 48.07 22.59
N LEU E 9 43.86 49.07 22.71
CA LEU E 9 43.43 50.43 23.03
C LEU E 9 42.23 50.83 22.19
N LEU E 10 42.22 50.38 20.93
CA LEU E 10 41.12 50.69 20.01
C LEU E 10 39.86 49.93 20.42
N GLY E 11 39.97 49.13 21.47
CA GLY E 11 38.83 48.36 21.93
C GLY E 11 38.11 49.17 22.99
N ILE E 12 38.89 49.92 23.76
CA ILE E 12 38.36 50.76 24.81
C ILE E 12 37.46 51.79 24.14
N PHE E 13 38.02 52.48 23.16
CA PHE E 13 37.31 53.51 22.40
C PHE E 13 36.07 52.97 21.71
N SER E 14 35.80 51.68 21.89
CA SER E 14 34.65 51.06 21.25
C SER E 14 33.40 51.07 22.15
N CYS E 15 33.60 51.30 23.43
CA CYS E 15 32.48 51.32 24.37
C CYS E 15 32.11 52.76 24.72
N LEU E 16 32.49 53.68 23.83
CA LEU E 16 32.21 55.10 24.04
C LEU E 16 31.21 55.56 22.97
N CYS E 17 30.20 56.33 23.39
CA CYS E 17 29.19 56.85 22.45
C CYS E 17 29.84 57.81 21.48
N LEU E 18 29.69 57.53 20.19
CA LEU E 18 30.28 58.35 19.13
C LEU E 18 30.60 59.79 19.54
N PRO E 19 29.59 60.56 19.97
CA PRO E 19 29.89 61.94 20.36
C PRO E 19 31.06 62.03 21.34
N GLU E 20 31.15 61.05 22.24
CA GLU E 20 32.23 61.02 23.22
C GLU E 20 33.61 61.01 22.56
N LEU E 21 33.71 60.30 21.44
CA LEU E 21 34.97 60.21 20.72
C LEU E 21 35.52 61.60 20.39
N LEU E 22 34.67 62.61 20.52
CA LEU E 22 35.11 63.97 20.25
C LEU E 22 35.99 64.42 21.42
N LYS E 23 35.69 63.92 22.61
CA LYS E 23 36.47 64.29 23.77
C LYS E 23 37.84 63.63 23.69
N VAL E 24 37.86 62.32 23.50
CA VAL E 24 39.12 61.58 23.38
C VAL E 24 39.93 62.15 22.21
N SER E 25 39.20 62.52 21.16
CA SER E 25 39.78 63.06 19.95
C SER E 25 40.92 64.03 20.18
N GLY E 26 40.93 64.71 21.32
CA GLY E 26 41.99 65.67 21.54
C GLY E 26 42.98 65.38 22.66
N VAL E 27 42.82 64.25 23.32
CA VAL E 27 43.71 63.89 24.42
C VAL E 27 45.20 63.97 24.07
N CYS E 28 45.57 63.46 22.89
CA CYS E 28 46.97 63.49 22.44
C CYS E 28 47.09 62.93 21.02
N LYS E 29 47.95 63.55 20.22
CA LYS E 29 48.21 63.18 18.83
C LYS E 29 47.72 61.79 18.45
N ARG E 30 48.36 60.78 19.04
CA ARG E 30 48.02 59.39 18.76
C ARG E 30 46.50 59.18 18.91
N TRP E 31 45.99 59.45 20.10
CA TRP E 31 44.57 59.27 20.36
C TRP E 31 43.69 59.88 19.28
N TYR E 32 44.20 60.91 18.61
CA TYR E 32 43.42 61.57 17.56
C TYR E 32 43.13 60.65 16.39
N ARG E 33 44.15 60.26 15.65
CA ARG E 33 43.92 59.37 14.51
C ARG E 33 43.11 58.16 14.92
N LEU E 34 43.48 57.55 16.04
CA LEU E 34 42.76 56.36 16.52
C LEU E 34 41.26 56.60 16.56
N ALA E 35 40.87 57.81 16.94
CA ALA E 35 39.46 58.17 17.02
C ALA E 35 38.85 58.08 15.63
N SER E 36 39.63 58.41 14.61
CA SER E 36 39.17 58.34 13.23
C SER E 36 38.85 56.86 13.00
N ASP E 37 37.88 56.60 12.17
CA ASP E 37 37.57 55.23 11.93
C ASP E 37 38.77 54.35 11.68
N GLU E 38 38.76 53.36 12.42
CA GLU E 38 39.50 52.19 12.31
C GLU E 38 38.19 51.65 12.78
N SER E 39 37.98 50.49 13.25
CA SER E 39 36.60 50.00 13.56
C SER E 39 35.36 50.89 13.93
N LEU E 40 35.53 52.13 14.40
CA LEU E 40 34.39 52.95 14.87
C LEU E 40 33.47 53.50 13.76
N TRP E 41 32.33 54.08 14.14
CA TRP E 41 31.39 54.67 13.16
C TRP E 41 30.82 53.60 12.24
#